data_6CSD
#
_entry.id   6CSD
#
_cell.length_a   57.472
_cell.length_b   126.527
_cell.length_c   192.258
_cell.angle_alpha   90.00
_cell.angle_beta   90.00
_cell.angle_gamma   90.00
#
_symmetry.space_group_name_H-M   'P 21 21 2'
#
loop_
_entity.id
_entity.type
_entity.pdbx_description
1 polymer 'Cytochrome P450 2D6'
2 non-polymer 'PROTOPORPHYRIN IX CONTAINING FE'
3 non-polymer Prinomastat
4 non-polymer 3-[(3-CHOLAMIDOPROPYL)DIMETHYLAMMONIO]-1-PROPANESULFONATE
5 non-polymer 'ZINC ION'
6 water water
#
_entity_poly.entity_id   1
_entity_poly.type   'polypeptide(L)'
_entity_poly.pdbx_seq_one_letter_code
;MAKKTSSKGKLPPGPLPLPGLGNLLHVDFQNTPYCFDQLRRRFGDVFSLQLAWTPVVVLNGLAAVREALVTHGEDTADRP
PVPITQILGFGPRSQGVFLARYGPAWREQRRFSVSTLRNLGLGKKSLEQWVTEEAACLCAAFANHSGRPFRPNGLLDKAV
SNVIASLTCGRRFEYDDPRFLRLLDLAQEGLKEESGFLREVLNAVPVLLHIPALAGKVLRFQKAFLTQLDELLTEHRMTW
DPAQPPRDLTEAFLAEMEKAKGNPESSFNDENLRIVVADLFSAGMETTSTTLAWGLLLMILHPDVQRRVQQEIDDVIGQV
RRPEMGDQAHMPYTTAVIHEVQRFGDIVPLGVTHMTSRDIEVQGFRIPKGTTLITNLSSVLKDEAVWEKPFRFHPEHFLD
AQGHFVKPEAFLPFSAGRRACLGEPLARMELFLFFTSLLQHFSFSVPTGQPRPSHHGVFAFLVSPSPYELCAVPRHHHH
;
_entity_poly.pdbx_strand_id   A,B
#
loop_
_chem_comp.id
_chem_comp.type
_chem_comp.name
_chem_comp.formula
CPS non-polymer 3-[(3-CHOLAMIDOPROPYL)DIMETHYLAMMONIO]-1-PROPANESULFONATE 'C32 H58 N2 O7 S'
HEM non-polymer 'PROTOPORPHYRIN IX CONTAINING FE' 'C34 H32 Fe N4 O4'
PN0 non-polymer Prinomastat 'C18 H21 N3 O5 S2'
ZN non-polymer 'ZINC ION' 'Zn 2'
#
# COMPACT_ATOMS: atom_id res chain seq x y z
N LYS A 10 3.84 9.15 -27.51
CA LYS A 10 3.08 9.13 -26.26
C LYS A 10 3.65 8.16 -25.19
N LEU A 11 4.84 8.42 -24.66
CA LEU A 11 5.48 7.47 -23.76
C LEU A 11 4.85 7.52 -22.36
N PRO A 12 5.05 6.49 -21.54
CA PRO A 12 4.43 6.46 -20.20
C PRO A 12 5.13 7.39 -19.23
N PRO A 13 4.39 8.00 -18.30
CA PRO A 13 5.00 8.94 -17.35
C PRO A 13 5.97 8.25 -16.41
N GLY A 14 6.78 9.06 -15.74
CA GLY A 14 7.76 8.56 -14.80
C GLY A 14 8.58 9.68 -14.19
N PRO A 15 9.43 9.35 -13.22
CA PRO A 15 10.25 10.36 -12.54
C PRO A 15 11.34 10.98 -13.43
N ASN A 23 15.35 8.25 -11.24
CA ASN A 23 15.15 6.89 -11.68
C ASN A 23 16.20 5.95 -11.08
N LEU A 24 17.45 6.16 -11.47
CA LEU A 24 18.53 5.22 -11.14
C LEU A 24 18.62 4.92 -9.66
N LEU A 25 18.44 5.93 -8.80
CA LEU A 25 18.48 5.74 -7.36
C LEU A 25 17.17 6.12 -6.67
N HIS A 26 16.18 6.60 -7.42
CA HIS A 26 14.81 6.74 -6.93
C HIS A 26 14.04 5.43 -7.00
N VAL A 27 14.70 4.31 -6.70
CA VAL A 27 14.10 2.98 -6.73
C VAL A 27 14.71 2.21 -5.56
N ASP A 28 13.90 1.97 -4.52
CA ASP A 28 14.33 1.17 -3.37
C ASP A 28 14.51 -0.28 -3.81
N PHE A 29 15.72 -0.81 -3.66
CA PHE A 29 16.04 -2.17 -4.10
C PHE A 29 16.02 -3.19 -2.97
N GLN A 30 15.83 -2.75 -1.73
CA GLN A 30 15.59 -3.64 -0.60
C GLN A 30 14.10 -3.84 -0.32
N ASN A 31 13.23 -3.22 -1.12
CA ASN A 31 11.78 -3.40 -1.04
C ASN A 31 11.15 -2.84 -2.31
N THR A 32 11.61 -3.34 -3.47
CA THR A 32 11.12 -2.84 -4.74
C THR A 32 9.62 -2.91 -4.93
N PRO A 33 8.92 -4.00 -4.56
CA PRO A 33 7.47 -4.03 -4.83
C PRO A 33 6.71 -2.89 -4.16
N TYR A 34 7.04 -2.54 -2.92
CA TYR A 34 6.34 -1.44 -2.26
C TYR A 34 6.69 -0.09 -2.89
N CYS A 35 7.92 0.06 -3.40
CA CYS A 35 8.26 1.27 -4.14
C CYS A 35 7.41 1.42 -5.40
N PHE A 36 7.17 0.32 -6.11
CA PHE A 36 6.38 0.34 -7.33
C PHE A 36 4.90 0.60 -7.07
N ASP A 37 4.43 0.36 -5.84
CA ASP A 37 3.08 0.81 -5.49
C ASP A 37 3.03 2.33 -5.43
N GLN A 38 4.07 2.95 -4.87
CA GLN A 38 4.11 4.41 -4.79
C GLN A 38 4.13 5.05 -6.18
N LEU A 39 4.96 4.52 -7.10
CA LEU A 39 5.02 5.09 -8.45
C LEU A 39 3.73 4.83 -9.21
N ARG A 40 3.06 3.70 -8.94
CA ARG A 40 1.79 3.41 -9.62
C ARG A 40 0.69 4.34 -9.15
N ARG A 41 0.65 4.66 -7.85
CA ARG A 41 -0.32 5.63 -7.34
C ARG A 41 -0.03 7.04 -7.82
N ARG A 42 1.22 7.34 -8.18
CA ARG A 42 1.70 8.61 -8.67
C ARG A 42 1.50 8.77 -10.17
N PHE A 43 2.02 7.82 -10.96
CA PHE A 43 2.05 7.94 -12.41
C PHE A 43 1.08 7.04 -13.12
N GLY A 44 0.43 6.12 -12.43
CA GLY A 44 -0.55 5.24 -13.03
C GLY A 44 0.00 3.83 -13.24
N ASP A 45 -0.80 3.04 -13.97
CA ASP A 45 -0.57 1.62 -14.15
C ASP A 45 0.59 1.31 -15.10
N VAL A 46 0.91 2.21 -16.02
CA VAL A 46 2.02 2.02 -16.94
C VAL A 46 2.94 3.21 -16.78
N PHE A 47 4.14 2.98 -16.23
CA PHE A 47 5.09 4.04 -16.00
C PHE A 47 6.49 3.62 -16.41
N SER A 48 7.37 4.61 -16.62
CA SER A 48 8.71 4.41 -17.14
C SER A 48 9.77 4.58 -16.06
N LEU A 49 10.88 3.88 -16.26
CA LEU A 49 12.06 3.99 -15.43
C LEU A 49 13.27 3.72 -16.32
N GLN A 50 14.37 4.43 -16.07
CA GLN A 50 15.60 4.21 -16.81
C GLN A 50 16.65 3.71 -15.83
N LEU A 51 17.04 2.44 -15.97
CA LEU A 51 17.93 1.79 -15.01
C LEU A 51 19.18 1.33 -15.75
N ALA A 52 20.29 2.02 -15.52
CA ALA A 52 21.60 1.65 -16.07
C ALA A 52 21.54 1.54 -17.60
N TRP A 53 21.14 2.63 -18.23
CA TRP A 53 21.09 2.77 -19.68
C TRP A 53 20.10 1.82 -20.34
N THR A 54 19.32 1.06 -19.56
CA THR A 54 18.27 0.20 -20.08
C THR A 54 16.93 0.85 -19.80
N PRO A 55 16.10 1.09 -20.81
CA PRO A 55 14.77 1.69 -20.57
C PRO A 55 13.78 0.61 -20.12
N VAL A 56 13.10 0.88 -19.00
CA VAL A 56 12.18 -0.06 -18.38
C VAL A 56 10.79 0.55 -18.32
N VAL A 57 9.77 -0.23 -18.68
CA VAL A 57 8.38 0.14 -18.48
C VAL A 57 7.74 -0.89 -17.57
N VAL A 58 7.13 -0.43 -16.49
CA VAL A 58 6.52 -1.30 -15.49
C VAL A 58 5.03 -1.42 -15.80
N LEU A 59 4.53 -2.64 -15.88
CA LEU A 59 3.12 -2.89 -16.15
C LEU A 59 2.42 -3.29 -14.85
N ASN A 60 1.28 -2.67 -14.57
CA ASN A 60 0.57 -2.91 -13.33
C ASN A 60 -0.90 -3.22 -13.60
N GLY A 61 -1.43 -4.20 -12.87
CA GLY A 61 -2.83 -4.56 -13.00
C GLY A 61 -3.08 -5.46 -14.19
N LEU A 62 -4.23 -6.14 -14.14
CA LEU A 62 -4.49 -7.22 -15.10
C LEU A 62 -4.45 -6.69 -16.52
N ALA A 63 -5.12 -5.57 -16.77
CA ALA A 63 -5.31 -5.09 -18.14
C ALA A 63 -3.99 -4.69 -18.79
N ALA A 64 -3.12 -3.96 -18.07
CA ALA A 64 -1.84 -3.60 -18.65
C ALA A 64 -1.00 -4.84 -18.94
N VAL A 65 -0.98 -5.81 -18.02
CA VAL A 65 -0.20 -7.04 -18.22
C VAL A 65 -0.80 -7.85 -19.36
N ARG A 66 -2.13 -8.01 -19.34
CA ARG A 66 -2.81 -8.77 -20.38
CA ARG A 66 -2.85 -8.75 -20.38
C ARG A 66 -2.70 -8.10 -21.75
N GLU A 67 -2.77 -6.76 -21.80
CA GLU A 67 -2.56 -6.09 -23.08
C GLU A 67 -1.18 -6.39 -23.62
N ALA A 68 -0.15 -6.30 -22.79
CA ALA A 68 1.21 -6.49 -23.29
C ALA A 68 1.52 -7.94 -23.63
N LEU A 69 1.12 -8.90 -22.77
CA LEU A 69 1.55 -10.29 -22.90
C LEU A 69 0.66 -11.14 -23.80
N VAL A 70 -0.63 -10.83 -23.89
CA VAL A 70 -1.57 -11.57 -24.72
C VAL A 70 -1.90 -10.82 -26.00
N THR A 71 -2.41 -9.58 -25.88
CA THR A 71 -2.87 -8.83 -27.04
C THR A 71 -1.71 -8.51 -27.98
N HIS A 72 -0.58 -8.03 -27.43
CA HIS A 72 0.65 -7.86 -28.19
C HIS A 72 1.65 -8.98 -27.91
N GLY A 73 1.13 -10.17 -27.55
CA GLY A 73 2.01 -11.28 -27.18
C GLY A 73 3.07 -11.63 -28.21
N GLU A 74 2.76 -11.48 -29.49
CA GLU A 74 3.75 -11.76 -30.53
C GLU A 74 4.96 -10.85 -30.41
N ASP A 75 4.79 -9.66 -29.85
CA ASP A 75 5.87 -8.69 -29.74
C ASP A 75 6.43 -8.55 -28.34
N THR A 76 5.97 -9.36 -27.38
CA THR A 76 6.47 -9.29 -26.00
C THR A 76 6.98 -10.62 -25.45
N ALA A 77 7.16 -11.66 -26.28
CA ALA A 77 7.60 -12.96 -25.77
C ALA A 77 9.10 -13.12 -25.66
N ASP A 78 9.88 -12.10 -26.02
CA ASP A 78 11.32 -12.18 -25.94
C ASP A 78 11.79 -11.79 -24.55
N ARG A 79 13.04 -12.18 -24.23
CA ARG A 79 13.69 -11.80 -22.98
C ARG A 79 14.81 -10.79 -23.25
N PRO A 80 15.19 -9.99 -22.25
CA PRO A 80 16.34 -9.11 -22.42
C PRO A 80 17.63 -9.90 -22.46
N PRO A 81 18.56 -9.54 -23.35
CA PRO A 81 19.78 -10.33 -23.50
C PRO A 81 20.55 -10.41 -22.20
N VAL A 82 21.16 -11.55 -21.96
CA VAL A 82 21.87 -11.78 -20.71
C VAL A 82 23.25 -12.36 -21.05
N PRO A 83 24.20 -11.52 -21.47
CA PRO A 83 25.54 -12.01 -21.89
C PRO A 83 26.32 -12.72 -20.78
N ILE A 84 26.00 -12.50 -19.50
CA ILE A 84 26.74 -13.18 -18.45
C ILE A 84 26.50 -14.69 -18.49
N THR A 85 25.36 -15.15 -18.98
CA THR A 85 25.10 -16.59 -19.06
C THR A 85 26.11 -17.32 -19.95
N GLN A 86 26.96 -16.60 -20.68
CA GLN A 86 27.98 -17.26 -21.48
C GLN A 86 28.88 -18.16 -20.63
N ILE A 87 29.00 -17.89 -19.32
CA ILE A 87 29.82 -18.73 -18.45
C ILE A 87 29.17 -20.09 -18.23
N LEU A 88 27.84 -20.16 -18.29
CA LEU A 88 27.14 -21.42 -18.04
C LEU A 88 26.96 -22.23 -19.32
N GLY A 89 27.61 -21.83 -20.41
CA GLY A 89 27.53 -22.58 -21.65
C GLY A 89 26.43 -22.15 -22.58
N PHE A 90 25.88 -20.94 -22.42
CA PHE A 90 24.77 -20.47 -23.23
C PHE A 90 25.27 -20.03 -24.61
N GLY A 91 24.54 -20.41 -25.64
CA GLY A 91 24.86 -20.03 -26.99
C GLY A 91 23.62 -20.06 -27.85
N PRO A 92 23.75 -19.71 -29.13
CA PRO A 92 22.57 -19.57 -29.99
C PRO A 92 21.65 -20.78 -30.00
N ARG A 93 22.19 -21.98 -29.88
CA ARG A 93 21.38 -23.21 -29.87
C ARG A 93 21.42 -23.91 -28.52
N SER A 94 21.92 -23.23 -27.48
CA SER A 94 22.04 -23.76 -26.12
C SER A 94 21.57 -22.65 -25.19
N GLN A 95 20.25 -22.54 -25.03
CA GLN A 95 19.67 -21.44 -24.28
C GLN A 95 18.66 -21.85 -23.23
N GLY A 96 18.49 -23.13 -22.97
CA GLY A 96 17.48 -23.52 -22.02
C GLY A 96 16.12 -22.99 -22.44
N VAL A 97 15.28 -22.72 -21.43
CA VAL A 97 13.94 -22.19 -21.63
C VAL A 97 13.75 -20.87 -20.89
N PHE A 98 14.13 -20.82 -19.61
CA PHE A 98 13.76 -19.70 -18.76
C PHE A 98 14.35 -18.39 -19.26
N LEU A 99 15.67 -18.35 -19.48
CA LEU A 99 16.31 -17.14 -19.98
C LEU A 99 16.46 -17.12 -21.49
N ALA A 100 15.89 -18.10 -22.19
CA ALA A 100 16.06 -18.19 -23.63
C ALA A 100 15.43 -17.00 -24.34
N ARG A 101 16.12 -16.48 -25.36
CA ARG A 101 15.51 -15.49 -26.24
C ARG A 101 14.36 -16.12 -27.02
N TYR A 102 13.42 -15.28 -27.44
CA TYR A 102 12.34 -15.77 -28.27
C TYR A 102 12.93 -16.21 -29.61
N GLY A 103 12.76 -17.46 -29.94
CA GLY A 103 13.33 -17.99 -31.16
C GLY A 103 13.20 -19.49 -31.23
N PRO A 104 13.81 -20.09 -32.26
CA PRO A 104 13.67 -21.54 -32.43
C PRO A 104 14.27 -22.34 -31.29
N ALA A 105 15.42 -21.92 -30.75
CA ALA A 105 15.99 -22.62 -29.59
C ALA A 105 15.02 -22.64 -28.39
N TRP A 106 14.33 -21.52 -28.14
CA TRP A 106 13.38 -21.48 -27.03
C TRP A 106 12.16 -22.35 -27.34
N ARG A 107 11.61 -22.19 -28.56
CA ARG A 107 10.40 -22.87 -28.99
C ARG A 107 10.53 -24.39 -29.00
N GLU A 108 11.68 -24.91 -29.44
CA GLU A 108 11.91 -26.36 -29.45
C GLU A 108 12.00 -26.92 -28.04
N GLN A 109 12.79 -26.29 -27.18
CA GLN A 109 12.92 -26.76 -25.80
C GLN A 109 11.61 -26.61 -25.01
N ARG A 110 10.83 -25.56 -25.29
CA ARG A 110 9.59 -25.33 -24.55
C ARG A 110 8.56 -26.38 -24.89
N ARG A 111 8.34 -26.64 -26.18
CA ARG A 111 7.46 -27.72 -26.61
C ARG A 111 7.97 -29.09 -26.16
N PHE A 112 9.28 -29.31 -26.23
CA PHE A 112 9.82 -30.59 -25.78
C PHE A 112 9.55 -30.80 -24.29
N SER A 113 9.92 -29.81 -23.45
CA SER A 113 9.62 -29.90 -22.02
C SER A 113 8.13 -30.07 -21.77
N VAL A 114 7.28 -29.22 -22.39
CA VAL A 114 5.83 -29.32 -22.17
C VAL A 114 5.31 -30.71 -22.50
N SER A 115 5.70 -31.27 -23.65
CA SER A 115 5.11 -32.56 -24.00
C SER A 115 5.82 -33.74 -23.35
N THR A 116 7.12 -33.61 -23.05
CA THR A 116 7.80 -34.68 -22.33
C THR A 116 7.22 -34.82 -20.92
N LEU A 117 7.02 -33.70 -20.21
CA LEU A 117 6.37 -33.80 -18.89
C LEU A 117 5.03 -34.51 -19.00
N ARG A 118 4.22 -34.13 -19.98
CA ARG A 118 2.92 -34.77 -20.22
C ARG A 118 3.06 -36.26 -20.46
N ASN A 119 3.97 -36.67 -21.36
CA ASN A 119 4.11 -38.08 -21.68
C ASN A 119 4.68 -38.89 -20.52
N LEU A 120 5.49 -38.28 -19.65
CA LEU A 120 5.97 -38.98 -18.47
C LEU A 120 4.87 -39.22 -17.44
N GLY A 121 3.67 -38.75 -17.71
CA GLY A 121 2.53 -39.00 -16.85
C GLY A 121 1.98 -37.81 -16.12
N LEU A 122 2.41 -36.59 -16.47
CA LEU A 122 1.98 -35.38 -15.77
C LEU A 122 0.46 -35.31 -15.63
N GLY A 123 -0.25 -35.24 -16.76
CA GLY A 123 -1.71 -35.14 -16.68
C GLY A 123 -2.42 -36.42 -16.30
N LYS A 124 -1.66 -37.42 -15.82
CA LYS A 124 -2.23 -38.75 -15.62
C LYS A 124 -2.00 -39.28 -14.20
N LYS A 125 -2.39 -40.54 -13.96
CA LYS A 125 -2.45 -41.13 -12.63
C LYS A 125 -1.13 -41.71 -12.14
N SER A 126 -0.14 -41.92 -13.03
CA SER A 126 1.16 -42.41 -12.55
C SER A 126 1.93 -41.33 -11.80
N LEU A 127 1.81 -40.06 -12.20
CA LEU A 127 2.54 -39.01 -11.52
C LEU A 127 1.89 -38.67 -10.17
N GLU A 128 0.57 -38.55 -10.18
CA GLU A 128 -0.20 -38.43 -8.95
C GLU A 128 0.22 -39.45 -7.91
N GLN A 129 0.29 -40.73 -8.29
CA GLN A 129 0.72 -41.76 -7.35
C GLN A 129 2.17 -41.58 -6.93
N TRP A 130 3.03 -41.14 -7.85
CA TRP A 130 4.41 -40.85 -7.47
C TRP A 130 4.48 -39.74 -6.44
N VAL A 131 3.74 -38.64 -6.68
CA VAL A 131 3.80 -37.47 -5.79
C VAL A 131 3.27 -37.83 -4.41
N THR A 132 2.21 -38.65 -4.33
CA THR A 132 1.70 -39.01 -3.01
C THR A 132 2.63 -39.99 -2.31
N GLU A 133 3.40 -40.78 -3.08
CA GLU A 133 4.44 -41.59 -2.47
C GLU A 133 5.51 -40.69 -1.85
N GLU A 134 5.87 -39.60 -2.54
CA GLU A 134 6.83 -38.65 -1.97
C GLU A 134 6.23 -37.84 -0.82
N ALA A 135 4.91 -37.56 -0.87
CA ALA A 135 4.25 -36.91 0.26
C ALA A 135 4.33 -37.77 1.51
N ALA A 136 4.21 -39.09 1.35
CA ALA A 136 4.32 -40.00 2.49
C ALA A 136 5.74 -39.96 3.08
N CYS A 137 6.76 -39.92 2.24
CA CYS A 137 8.11 -39.72 2.73
C CYS A 137 8.21 -38.43 3.53
N LEU A 138 7.57 -37.36 3.04
CA LEU A 138 7.60 -36.08 3.73
C LEU A 138 6.84 -36.14 5.05
N CYS A 139 5.63 -36.74 5.04
CA CYS A 139 4.88 -36.95 6.28
C CYS A 139 5.71 -37.71 7.30
N ALA A 140 6.39 -38.79 6.87
CA ALA A 140 7.21 -39.56 7.79
C ALA A 140 8.36 -38.73 8.34
N ALA A 141 9.00 -37.92 7.49
CA ALA A 141 10.05 -37.07 8.02
C ALA A 141 9.49 -36.00 8.96
N PHE A 142 8.23 -35.60 8.77
CA PHE A 142 7.59 -34.69 9.73
C PHE A 142 7.37 -35.38 11.07
N ALA A 143 6.76 -36.56 11.06
CA ALA A 143 6.51 -37.29 12.30
C ALA A 143 7.80 -37.59 13.08
N ASN A 144 8.92 -37.82 12.41
CA ASN A 144 10.19 -38.06 13.11
C ASN A 144 10.66 -36.89 13.97
N HIS A 145 9.96 -35.76 13.91
CA HIS A 145 10.33 -34.61 14.74
C HIS A 145 9.69 -34.68 16.12
N SER A 146 8.83 -35.67 16.37
CA SER A 146 8.31 -35.97 17.70
C SER A 146 7.54 -34.79 18.26
N GLY A 147 6.82 -34.09 17.38
CA GLY A 147 6.05 -32.93 17.77
C GLY A 147 6.85 -31.71 18.19
N ARG A 148 8.18 -31.76 18.15
CA ARG A 148 9.01 -30.62 18.51
C ARG A 148 8.99 -29.52 17.42
N PRO A 149 9.34 -28.29 17.80
CA PRO A 149 9.32 -27.21 16.81
C PRO A 149 10.44 -27.36 15.79
N PHE A 150 10.15 -27.02 14.53
CA PHE A 150 11.16 -27.10 13.47
C PHE A 150 10.77 -26.21 12.29
N ARG A 151 11.80 -25.76 11.57
CA ARG A 151 11.59 -25.07 10.30
C ARG A 151 11.25 -26.09 9.22
N PRO A 152 10.07 -26.01 8.59
CA PRO A 152 9.71 -27.03 7.61
C PRO A 152 10.35 -26.84 6.23
N ASN A 153 11.06 -25.73 6.00
CA ASN A 153 11.51 -25.38 4.65
C ASN A 153 12.41 -26.45 4.03
N GLY A 154 13.40 -26.94 4.79
CA GLY A 154 14.34 -27.89 4.25
C GLY A 154 13.66 -29.17 3.78
N LEU A 155 12.72 -29.68 4.57
CA LEU A 155 12.09 -30.92 4.15
C LEU A 155 11.15 -30.68 2.98
N LEU A 156 10.52 -29.50 2.92
CA LEU A 156 9.68 -29.16 1.78
C LEU A 156 10.51 -29.16 0.49
N ASP A 157 11.65 -28.49 0.50
CA ASP A 157 12.54 -28.45 -0.65
C ASP A 157 12.91 -29.86 -1.10
N LYS A 158 13.27 -30.74 -0.15
CA LYS A 158 13.67 -32.11 -0.51
C LYS A 158 12.52 -32.89 -1.10
N ALA A 159 11.33 -32.80 -0.50
CA ALA A 159 10.24 -33.60 -1.04
C ALA A 159 9.83 -33.12 -2.43
N VAL A 160 9.83 -31.80 -2.65
CA VAL A 160 9.44 -31.23 -3.94
C VAL A 160 10.57 -31.40 -4.96
N SER A 161 11.83 -31.29 -4.53
CA SER A 161 12.95 -31.56 -5.44
C SER A 161 12.92 -33.00 -5.92
N ASN A 162 12.55 -33.94 -5.04
CA ASN A 162 12.50 -35.31 -5.50
C ASN A 162 11.48 -35.54 -6.60
N VAL A 163 10.43 -34.71 -6.68
CA VAL A 163 9.43 -34.90 -7.74
C VAL A 163 10.03 -34.49 -9.08
N ILE A 164 10.67 -33.32 -9.12
CA ILE A 164 11.27 -32.91 -10.38
C ILE A 164 12.50 -33.74 -10.69
N ALA A 165 13.26 -34.16 -9.66
CA ALA A 165 14.34 -35.11 -9.89
C ALA A 165 13.80 -36.38 -10.52
N SER A 166 12.60 -36.79 -10.12
CA SER A 166 12.06 -38.02 -10.67
C SER A 166 11.72 -37.84 -12.16
N LEU A 167 11.12 -36.70 -12.53
CA LEU A 167 10.72 -36.45 -13.91
C LEU A 167 11.92 -36.20 -14.82
N THR A 168 12.90 -35.45 -14.35
CA THR A 168 14.04 -35.13 -15.19
C THR A 168 15.14 -36.19 -15.14
N CYS A 169 15.43 -36.74 -13.96
CA CYS A 169 16.59 -37.58 -13.78
C CYS A 169 16.24 -39.03 -13.49
N GLY A 170 14.97 -39.37 -13.41
CA GLY A 170 14.57 -40.76 -13.23
C GLY A 170 14.90 -41.32 -11.87
N ARG A 171 15.08 -40.49 -10.86
CA ARG A 171 15.43 -40.99 -9.55
C ARG A 171 15.05 -39.95 -8.48
N ARG A 172 14.89 -40.43 -7.26
CA ARG A 172 14.82 -39.55 -6.10
C ARG A 172 16.10 -39.71 -5.28
N PHE A 173 16.16 -38.98 -4.19
CA PHE A 173 17.30 -39.00 -3.29
C PHE A 173 16.79 -39.14 -1.86
N GLU A 174 17.64 -39.72 -1.01
CA GLU A 174 17.33 -39.80 0.42
C GLU A 174 17.51 -38.43 1.05
N TYR A 175 16.69 -38.15 2.06
CA TYR A 175 16.79 -36.84 2.71
C TYR A 175 18.15 -36.63 3.36
N ASP A 176 18.86 -37.72 3.71
CA ASP A 176 20.20 -37.64 4.31
C ASP A 176 21.33 -37.65 3.29
N ASP A 177 21.04 -37.92 2.03
CA ASP A 177 22.06 -38.02 0.99
C ASP A 177 22.88 -36.74 0.88
N PRO A 178 24.22 -36.81 1.04
CA PRO A 178 25.02 -35.57 0.98
C PRO A 178 25.04 -34.93 -0.40
N ARG A 179 24.89 -35.73 -1.46
CA ARG A 179 24.86 -35.20 -2.82
C ARG A 179 23.59 -34.41 -3.08
N PHE A 180 22.46 -34.93 -2.63
CA PHE A 180 21.20 -34.21 -2.66
C PHE A 180 21.31 -32.89 -1.90
N LEU A 181 21.89 -32.95 -0.70
CA LEU A 181 22.06 -31.75 0.11
C LEU A 181 22.89 -30.72 -0.62
N ARG A 182 24.02 -31.14 -1.20
CA ARG A 182 24.85 -30.20 -1.95
C ARG A 182 24.06 -29.64 -3.13
N LEU A 183 23.30 -30.49 -3.82
CA LEU A 183 22.48 -30.06 -4.96
C LEU A 183 21.49 -28.96 -4.56
N LEU A 184 20.75 -29.18 -3.46
CA LEU A 184 19.82 -28.17 -2.96
C LEU A 184 20.55 -26.91 -2.50
N ASP A 185 21.65 -27.09 -1.78
CA ASP A 185 22.37 -25.94 -1.23
C ASP A 185 22.90 -25.05 -2.35
N LEU A 186 23.48 -25.66 -3.39
CA LEU A 186 24.02 -24.87 -4.49
C LEU A 186 22.91 -24.16 -5.26
N ALA A 187 21.76 -24.83 -5.42
CA ALA A 187 20.64 -24.25 -6.15
C ALA A 187 20.06 -23.06 -5.41
N GLN A 188 19.86 -23.19 -4.10
CA GLN A 188 19.39 -22.06 -3.31
C GLN A 188 20.36 -20.88 -3.40
N GLU A 189 21.66 -21.17 -3.40
CA GLU A 189 22.67 -20.12 -3.49
C GLU A 189 22.77 -19.58 -4.91
N GLY A 190 22.64 -20.44 -5.93
CA GLY A 190 22.65 -19.98 -7.31
C GLY A 190 21.45 -19.13 -7.67
N LEU A 191 20.30 -19.41 -7.06
CA LEU A 191 19.15 -18.51 -7.16
C LEU A 191 19.49 -17.13 -6.58
N LYS A 192 20.15 -17.09 -5.43
CA LYS A 192 20.51 -15.81 -4.81
C LYS A 192 21.43 -14.99 -5.70
N GLU A 193 22.22 -15.61 -6.58
CA GLU A 193 23.10 -14.86 -7.48
C GLU A 193 22.33 -14.24 -8.64
N GLU A 194 21.17 -14.79 -8.99
CA GLU A 194 20.41 -14.26 -10.12
C GLU A 194 19.94 -12.84 -9.84
N SER A 195 19.76 -12.50 -8.56
CA SER A 195 19.29 -11.20 -8.10
C SER A 195 20.32 -10.49 -7.24
N GLY A 196 21.61 -10.79 -7.45
CA GLY A 196 22.68 -10.10 -6.75
C GLY A 196 23.20 -8.93 -7.58
N PHE A 197 23.74 -7.92 -6.88
CA PHE A 197 24.23 -6.72 -7.55
C PHE A 197 25.27 -7.05 -8.61
N LEU A 198 26.29 -7.83 -8.22
CA LEU A 198 27.38 -8.21 -9.12
C LEU A 198 26.86 -8.75 -10.44
N ARG A 199 25.91 -9.69 -10.39
CA ARG A 199 25.47 -10.34 -11.61
C ARG A 199 24.98 -9.35 -12.65
N GLU A 200 24.09 -8.43 -12.25
CA GLU A 200 23.49 -7.53 -13.23
C GLU A 200 24.46 -6.46 -13.71
N VAL A 201 25.43 -6.05 -12.89
CA VAL A 201 26.35 -5.01 -13.35
C VAL A 201 27.24 -5.53 -14.48
N LEU A 202 27.66 -6.81 -14.44
CA LEU A 202 28.44 -7.39 -15.55
C LEU A 202 27.54 -7.75 -16.71
N ASN A 203 26.30 -8.13 -16.44
CA ASN A 203 25.36 -8.24 -17.54
C ASN A 203 25.02 -6.87 -18.13
N ALA A 204 24.99 -5.82 -17.31
CA ALA A 204 24.82 -4.47 -17.81
C ALA A 204 26.09 -4.01 -18.51
N VAL A 205 27.17 -3.84 -17.74
CA VAL A 205 28.48 -3.47 -18.28
C VAL A 205 29.20 -4.76 -18.68
N PRO A 206 29.33 -5.06 -19.98
CA PRO A 206 29.82 -6.36 -20.40
C PRO A 206 31.33 -6.54 -20.26
N VAL A 207 32.12 -5.51 -20.56
CA VAL A 207 33.57 -5.66 -20.69
C VAL A 207 34.22 -6.22 -19.42
N LEU A 208 33.70 -5.86 -18.23
CA LEU A 208 34.27 -6.32 -16.96
C LEU A 208 34.37 -7.84 -16.89
N LEU A 209 33.81 -8.52 -17.89
CA LEU A 209 33.78 -9.98 -17.91
C LEU A 209 35.19 -10.57 -17.98
N HIS A 210 36.08 -9.99 -18.80
CA HIS A 210 37.32 -10.71 -19.09
C HIS A 210 38.26 -10.80 -17.88
N ILE A 211 38.21 -9.84 -16.96
CA ILE A 211 39.01 -9.78 -15.73
C ILE A 211 38.90 -11.11 -14.97
N PRO A 212 40.00 -11.86 -14.87
CA PRO A 212 39.94 -13.22 -14.31
C PRO A 212 39.17 -13.36 -13.00
N ALA A 213 39.52 -12.58 -11.98
CA ALA A 213 38.87 -12.74 -10.68
C ALA A 213 37.39 -12.43 -10.72
N LEU A 214 36.97 -11.43 -11.52
CA LEU A 214 35.55 -11.13 -11.67
C LEU A 214 34.80 -12.28 -12.36
N ALA A 215 35.44 -12.96 -13.32
CA ALA A 215 34.82 -14.11 -13.97
C ALA A 215 34.73 -15.32 -13.05
N GLY A 216 35.74 -15.53 -12.20
CA GLY A 216 35.76 -16.65 -11.28
C GLY A 216 34.93 -16.51 -10.03
N LYS A 217 34.43 -15.31 -9.74
CA LYS A 217 33.61 -15.07 -8.55
C LYS A 217 32.12 -15.02 -8.86
N VAL A 218 31.75 -14.54 -10.04
CA VAL A 218 30.34 -14.42 -10.41
C VAL A 218 29.80 -15.77 -10.85
N LEU A 219 28.56 -16.06 -10.48
CA LEU A 219 27.88 -17.31 -10.81
C LEU A 219 28.67 -18.52 -10.30
N ARG A 220 29.44 -18.33 -9.22
CA ARG A 220 30.19 -19.43 -8.63
C ARG A 220 29.27 -20.57 -8.25
N PHE A 221 28.10 -20.25 -7.67
CA PHE A 221 27.20 -21.29 -7.23
C PHE A 221 26.38 -21.84 -8.39
N GLN A 222 26.03 -21.00 -9.35
CA GLN A 222 25.35 -21.50 -10.54
C GLN A 222 26.27 -22.40 -11.35
N LYS A 223 27.55 -22.03 -11.45
CA LYS A 223 28.51 -22.90 -12.13
C LYS A 223 28.76 -24.15 -11.31
N ALA A 224 28.80 -24.01 -9.98
CA ALA A 224 28.94 -25.18 -9.13
C ALA A 224 27.72 -26.08 -9.27
N PHE A 225 26.53 -25.48 -9.32
CA PHE A 225 25.31 -26.28 -9.46
C PHE A 225 25.32 -27.08 -10.74
N LEU A 226 25.74 -26.45 -11.85
CA LEU A 226 25.78 -27.14 -13.11
C LEU A 226 26.82 -28.25 -13.11
N THR A 227 27.98 -27.99 -12.50
CA THR A 227 29.01 -29.01 -12.34
C THR A 227 28.46 -30.24 -11.62
N GLN A 228 27.75 -30.01 -10.50
CA GLN A 228 27.18 -31.13 -9.74
C GLN A 228 26.15 -31.92 -10.54
N LEU A 229 25.41 -31.23 -11.44
CA LEU A 229 24.49 -31.92 -12.33
C LEU A 229 25.22 -32.75 -13.39
N ASP A 230 26.29 -32.19 -13.98
CA ASP A 230 27.07 -32.96 -14.95
C ASP A 230 27.40 -34.33 -14.40
N GLU A 231 27.72 -34.37 -13.11
CA GLU A 231 28.05 -35.62 -12.43
C GLU A 231 26.86 -36.57 -12.42
N LEU A 232 25.65 -36.07 -12.13
CA LEU A 232 24.47 -36.93 -12.20
C LEU A 232 24.14 -37.31 -13.63
N LEU A 233 24.29 -36.37 -14.57
CA LEU A 233 24.06 -36.68 -15.98
C LEU A 233 25.03 -37.74 -16.48
N THR A 234 26.28 -37.73 -16.01
CA THR A 234 27.23 -38.73 -16.47
C THR A 234 26.83 -40.12 -15.99
N GLU A 235 26.39 -40.24 -14.72
CA GLU A 235 25.94 -41.52 -14.22
C GLU A 235 24.68 -41.97 -14.94
N HIS A 236 23.75 -41.04 -15.20
CA HIS A 236 22.52 -41.36 -15.91
C HIS A 236 22.82 -41.89 -17.31
N ARG A 237 23.83 -41.31 -17.98
CA ARG A 237 24.25 -41.82 -19.29
C ARG A 237 24.73 -43.25 -19.19
N MET A 238 25.40 -43.59 -18.09
CA MET A 238 25.81 -44.97 -17.87
C MET A 238 24.60 -45.90 -17.73
N THR A 239 23.58 -45.49 -16.98
CA THR A 239 22.47 -46.39 -16.65
C THR A 239 21.34 -46.37 -17.67
N TRP A 240 21.37 -45.45 -18.62
CA TRP A 240 20.29 -45.30 -19.59
C TRP A 240 20.23 -46.53 -20.49
N ASP A 241 19.02 -47.04 -20.72
CA ASP A 241 18.80 -48.15 -21.64
C ASP A 241 18.07 -47.63 -22.88
N PRO A 242 18.79 -47.25 -23.94
CA PRO A 242 18.12 -46.69 -25.13
C PRO A 242 17.21 -47.68 -25.84
N ALA A 243 17.32 -48.98 -25.56
CA ALA A 243 16.47 -49.99 -26.18
C ALA A 243 15.07 -50.00 -25.61
N GLN A 244 14.82 -49.19 -24.58
CA GLN A 244 13.55 -49.00 -23.90
C GLN A 244 13.07 -47.56 -24.07
N PRO A 245 11.76 -47.34 -24.04
CA PRO A 245 11.25 -45.97 -24.13
C PRO A 245 11.78 -45.10 -23.01
N PRO A 246 12.00 -43.81 -23.26
CA PRO A 246 12.56 -42.93 -22.21
C PRO A 246 11.74 -42.98 -20.93
N ARG A 247 12.42 -43.20 -19.80
CA ARG A 247 11.79 -43.17 -18.49
C ARG A 247 11.65 -41.78 -17.92
N ASP A 248 12.43 -40.82 -18.42
CA ASP A 248 12.50 -39.51 -17.80
C ASP A 248 12.92 -38.53 -18.86
N LEU A 249 12.94 -37.26 -18.47
CA LEU A 249 13.16 -36.22 -19.45
C LEU A 249 14.58 -36.23 -20.00
N THR A 250 15.57 -36.53 -19.15
CA THR A 250 16.95 -36.64 -19.63
C THR A 250 17.08 -37.72 -20.71
N GLU A 251 16.37 -38.86 -20.56
CA GLU A 251 16.49 -39.90 -21.57
C GLU A 251 15.81 -39.45 -22.84
N ALA A 252 14.64 -38.82 -22.70
CA ALA A 252 13.98 -38.26 -23.89
C ALA A 252 14.90 -37.29 -24.60
N PHE A 253 15.61 -36.46 -23.85
CA PHE A 253 16.54 -35.51 -24.46
C PHE A 253 17.66 -36.24 -25.19
N LEU A 254 18.27 -37.23 -24.53
CA LEU A 254 19.41 -37.94 -25.11
C LEU A 254 19.01 -38.65 -26.40
N ALA A 255 17.82 -39.27 -26.44
CA ALA A 255 17.30 -39.87 -27.66
C ALA A 255 17.16 -38.83 -28.77
N GLU A 256 16.60 -37.66 -28.45
CA GLU A 256 16.56 -36.60 -29.45
C GLU A 256 17.97 -36.13 -29.83
N MET A 257 18.92 -36.15 -28.89
CA MET A 257 20.28 -35.76 -29.22
C MET A 257 20.86 -36.68 -30.29
N GLU A 258 20.59 -37.98 -30.15
CA GLU A 258 21.15 -38.95 -31.09
C GLU A 258 20.62 -38.69 -32.49
N LYS A 259 19.30 -38.60 -32.62
CA LYS A 259 18.67 -38.33 -33.91
C LYS A 259 19.21 -37.08 -34.57
N ALA A 260 19.63 -36.10 -33.77
CA ALA A 260 20.05 -34.80 -34.25
C ALA A 260 21.55 -34.73 -34.51
N LYS A 261 22.27 -35.84 -34.39
CA LYS A 261 23.70 -35.78 -34.71
C LYS A 261 23.88 -35.48 -36.20
N GLY A 262 24.70 -34.49 -36.48
CA GLY A 262 24.87 -33.97 -37.80
C GLY A 262 24.03 -32.75 -38.11
N ASN A 263 23.17 -32.32 -37.19
CA ASN A 263 22.27 -31.21 -37.47
C ASN A 263 22.66 -30.01 -36.62
N PRO A 264 23.48 -29.10 -37.13
CA PRO A 264 23.90 -27.93 -36.34
C PRO A 264 22.77 -26.94 -36.01
N GLU A 265 21.53 -27.19 -36.47
CA GLU A 265 20.42 -26.31 -36.10
C GLU A 265 19.69 -26.78 -34.84
N SER A 266 19.87 -28.03 -34.43
CA SER A 266 19.12 -28.55 -33.29
C SER A 266 19.59 -27.88 -32.00
N SER A 267 18.64 -27.67 -31.08
CA SER A 267 18.99 -27.29 -29.73
C SER A 267 19.18 -28.52 -28.83
N PHE A 268 19.13 -29.72 -29.42
CA PHE A 268 19.38 -30.97 -28.68
C PHE A 268 20.86 -31.32 -28.78
N ASN A 269 21.66 -30.67 -27.94
CA ASN A 269 23.10 -30.86 -27.90
C ASN A 269 23.55 -30.99 -26.45
N ASP A 270 24.84 -31.26 -26.26
CA ASP A 270 25.34 -31.51 -24.90
C ASP A 270 25.34 -30.24 -24.06
N GLU A 271 25.60 -29.09 -24.67
CA GLU A 271 25.61 -27.84 -23.91
C GLU A 271 24.22 -27.51 -23.38
N ASN A 272 23.17 -27.91 -24.09
CA ASN A 272 21.81 -27.55 -23.72
C ASN A 272 21.14 -28.58 -22.84
N LEU A 273 21.65 -29.83 -22.84
CA LEU A 273 21.11 -30.82 -21.93
C LEU A 273 21.31 -30.40 -20.48
N ARG A 274 22.51 -29.94 -20.14
CA ARG A 274 22.74 -29.54 -18.75
C ARG A 274 21.95 -28.29 -18.42
N ILE A 275 21.87 -27.33 -19.34
CA ILE A 275 21.11 -26.11 -19.08
C ILE A 275 19.63 -26.43 -18.91
N VAL A 276 19.04 -27.21 -19.83
CA VAL A 276 17.61 -27.50 -19.76
C VAL A 276 17.29 -28.29 -18.50
N VAL A 277 18.05 -29.35 -18.22
CA VAL A 277 17.80 -30.12 -17.00
C VAL A 277 17.98 -29.24 -15.76
N ALA A 278 18.99 -28.35 -15.75
CA ALA A 278 19.17 -27.45 -14.60
C ALA A 278 17.97 -26.50 -14.44
N ASP A 279 17.60 -25.84 -15.54
CA ASP A 279 16.38 -25.04 -15.65
C ASP A 279 15.17 -25.69 -14.96
N LEU A 280 14.75 -26.86 -15.47
CA LEU A 280 13.56 -27.53 -14.96
C LEU A 280 13.76 -27.96 -13.51
N PHE A 281 14.95 -28.47 -13.19
CA PHE A 281 15.23 -28.96 -11.85
C PHE A 281 15.17 -27.81 -10.84
N SER A 282 15.94 -26.76 -11.08
CA SER A 282 15.97 -25.64 -10.15
C SER A 282 14.61 -24.98 -10.03
N ALA A 283 13.90 -24.84 -11.16
CA ALA A 283 12.56 -24.25 -11.10
C ALA A 283 11.61 -25.15 -10.30
N GLY A 284 11.69 -26.46 -10.54
CA GLY A 284 10.91 -27.44 -9.80
C GLY A 284 11.11 -27.42 -8.29
N MET A 285 12.30 -27.00 -7.81
CA MET A 285 12.53 -26.90 -6.37
C MET A 285 11.90 -25.64 -5.79
N GLU A 286 12.54 -24.50 -6.05
CA GLU A 286 12.37 -23.24 -5.35
C GLU A 286 10.96 -22.69 -5.40
N THR A 287 10.12 -23.13 -6.32
CA THR A 287 8.83 -22.47 -6.50
C THR A 287 7.76 -23.11 -5.65
N THR A 288 7.47 -24.39 -5.92
CA THR A 288 6.41 -25.11 -5.23
C THR A 288 6.70 -25.23 -3.73
N SER A 289 7.97 -25.44 -3.36
CA SER A 289 8.29 -25.60 -1.95
C SER A 289 8.17 -24.29 -1.19
N THR A 290 8.55 -23.17 -1.82
CA THR A 290 8.31 -21.87 -1.18
C THR A 290 6.81 -21.65 -0.99
N THR A 291 6.01 -21.97 -2.00
CA THR A 291 4.56 -21.82 -1.87
C THR A 291 4.03 -22.66 -0.73
N LEU A 292 4.48 -23.91 -0.64
CA LEU A 292 4.12 -24.79 0.46
C LEU A 292 4.59 -24.22 1.80
N ALA A 293 5.75 -23.55 1.83
CA ALA A 293 6.22 -22.94 3.07
C ALA A 293 5.31 -21.80 3.49
N TRP A 294 4.83 -20.98 2.53
CA TRP A 294 3.79 -20.00 2.82
C TRP A 294 2.51 -20.68 3.28
N GLY A 295 2.15 -21.78 2.62
CA GLY A 295 0.94 -22.50 2.98
C GLY A 295 0.90 -22.89 4.45
N LEU A 296 1.94 -23.57 4.93
CA LEU A 296 1.99 -23.99 6.33
C LEU A 296 2.00 -22.79 7.27
N LEU A 297 2.81 -21.78 6.94
CA LEU A 297 2.84 -20.58 7.76
C LEU A 297 1.43 -20.01 7.92
N LEU A 298 0.68 -19.95 6.84
CA LEU A 298 -0.66 -19.37 6.88
C LEU A 298 -1.64 -20.31 7.56
N MET A 299 -1.37 -21.62 7.56
CA MET A 299 -2.20 -22.54 8.34
C MET A 299 -1.96 -22.44 9.85
N ILE A 300 -0.80 -21.96 10.32
CA ILE A 300 -0.64 -21.76 11.76
C ILE A 300 -1.03 -20.33 12.17
N LEU A 301 -1.08 -19.38 11.23
CA LEU A 301 -1.61 -18.07 11.53
C LEU A 301 -3.13 -18.06 11.50
N HIS A 302 -3.74 -19.00 10.80
CA HIS A 302 -5.19 -19.05 10.64
C HIS A 302 -5.68 -20.47 10.92
N PRO A 303 -5.50 -20.94 12.16
CA PRO A 303 -5.92 -22.32 12.50
C PRO A 303 -7.38 -22.59 12.21
N ASP A 304 -8.22 -21.55 12.23
CA ASP A 304 -9.61 -21.74 11.82
C ASP A 304 -9.68 -22.29 10.40
N VAL A 305 -8.85 -21.77 9.49
CA VAL A 305 -8.85 -22.25 8.11
C VAL A 305 -8.24 -23.65 8.04
N GLN A 306 -7.16 -23.88 8.78
CA GLN A 306 -6.60 -25.22 8.85
C GLN A 306 -7.65 -26.24 9.23
N ARG A 307 -8.40 -26.01 10.32
CA ARG A 307 -9.42 -26.97 10.76
C ARG A 307 -10.49 -27.16 9.69
N ARG A 308 -10.84 -26.09 8.99
CA ARG A 308 -11.87 -26.24 7.98
CA ARG A 308 -11.86 -26.18 7.94
C ARG A 308 -11.39 -27.06 6.79
N VAL A 309 -10.11 -26.97 6.44
CA VAL A 309 -9.58 -27.83 5.38
C VAL A 309 -9.58 -29.27 5.86
N GLN A 310 -9.11 -29.50 7.09
CA GLN A 310 -9.09 -30.84 7.67
C GLN A 310 -10.50 -31.46 7.69
N GLN A 311 -11.52 -30.65 7.92
CA GLN A 311 -12.88 -31.18 7.84
C GLN A 311 -13.22 -31.61 6.41
N GLU A 312 -12.91 -30.75 5.43
CA GLU A 312 -13.21 -31.12 4.04
C GLU A 312 -12.43 -32.37 3.60
N ILE A 313 -11.18 -32.54 4.07
CA ILE A 313 -10.44 -33.76 3.76
C ILE A 313 -11.18 -34.98 4.30
N ASP A 314 -11.67 -34.90 5.54
CA ASP A 314 -12.35 -36.04 6.15
C ASP A 314 -13.64 -36.43 5.39
N ASP A 315 -14.42 -35.43 4.96
CA ASP A 315 -15.68 -35.72 4.28
C ASP A 315 -15.54 -36.23 2.86
N VAL A 316 -14.36 -36.09 2.24
CA VAL A 316 -14.18 -36.45 0.84
C VAL A 316 -13.16 -37.59 0.68
N ILE A 317 -12.10 -37.58 1.49
CA ILE A 317 -10.98 -38.51 1.35
C ILE A 317 -10.91 -39.48 2.52
N GLY A 318 -10.98 -38.97 3.74
CA GLY A 318 -10.81 -39.74 4.95
C GLY A 318 -9.45 -39.47 5.57
N GLN A 319 -9.12 -40.25 6.59
CA GLN A 319 -7.89 -40.04 7.33
C GLN A 319 -6.82 -41.09 7.03
N VAL A 320 -7.05 -41.99 6.09
CA VAL A 320 -6.06 -43.04 5.82
C VAL A 320 -5.72 -43.07 4.33
N ARG A 321 -6.74 -43.02 3.48
CA ARG A 321 -6.51 -43.11 2.04
C ARG A 321 -5.73 -41.89 1.54
N ARG A 322 -4.82 -42.11 0.58
CA ARG A 322 -4.02 -41.03 0.02
C ARG A 322 -4.83 -40.20 -0.97
N PRO A 323 -4.56 -38.90 -1.06
CA PRO A 323 -5.38 -38.02 -1.91
C PRO A 323 -5.10 -38.24 -3.40
N GLU A 324 -6.11 -37.93 -4.22
CA GLU A 324 -6.02 -38.02 -5.66
C GLU A 324 -6.55 -36.74 -6.29
N MET A 325 -6.13 -36.48 -7.53
CA MET A 325 -6.55 -35.24 -8.19
C MET A 325 -8.05 -35.21 -8.43
N GLY A 326 -8.67 -36.38 -8.60
CA GLY A 326 -10.11 -36.44 -8.74
C GLY A 326 -10.88 -36.03 -7.50
N ASP A 327 -10.19 -35.91 -6.37
CA ASP A 327 -10.81 -35.34 -5.18
C ASP A 327 -10.99 -33.82 -5.31
N GLN A 328 -10.08 -33.15 -6.02
CA GLN A 328 -10.00 -31.70 -5.95
C GLN A 328 -11.30 -31.06 -6.42
N ALA A 329 -11.91 -31.60 -7.48
CA ALA A 329 -13.18 -31.08 -7.99
C ALA A 329 -14.28 -31.14 -6.95
N HIS A 330 -14.16 -32.01 -5.94
CA HIS A 330 -15.15 -32.13 -4.87
C HIS A 330 -14.67 -31.48 -3.57
N MET A 331 -13.61 -30.68 -3.63
CA MET A 331 -13.02 -30.02 -2.46
C MET A 331 -12.80 -28.54 -2.76
N PRO A 332 -13.88 -27.76 -2.90
CA PRO A 332 -13.71 -26.35 -3.28
C PRO A 332 -13.03 -25.51 -2.22
N TYR A 333 -13.24 -25.80 -0.94
CA TYR A 333 -12.63 -24.97 0.10
C TYR A 333 -11.12 -25.17 0.13
N THR A 334 -10.66 -26.43 0.01
CA THR A 334 -9.22 -26.70 -0.03
C THR A 334 -8.61 -26.12 -1.29
N THR A 335 -9.34 -26.17 -2.41
CA THR A 335 -8.85 -25.53 -3.62
C THR A 335 -8.79 -24.02 -3.46
N ALA A 336 -9.79 -23.45 -2.81
CA ALA A 336 -9.79 -22.02 -2.55
C ALA A 336 -8.59 -21.61 -1.71
N VAL A 337 -8.31 -22.37 -0.63
CA VAL A 337 -7.22 -22.02 0.28
C VAL A 337 -5.89 -22.05 -0.45
N ILE A 338 -5.66 -23.11 -1.24
CA ILE A 338 -4.41 -23.27 -1.99
C ILE A 338 -4.23 -22.10 -2.94
N HIS A 339 -5.29 -21.74 -3.68
CA HIS A 339 -5.23 -20.57 -4.55
C HIS A 339 -4.93 -19.32 -3.74
N GLU A 340 -5.52 -19.21 -2.55
CA GLU A 340 -5.28 -18.03 -1.72
C GLU A 340 -3.86 -18.00 -1.18
N VAL A 341 -3.25 -19.16 -0.89
CA VAL A 341 -1.84 -19.22 -0.50
C VAL A 341 -0.95 -18.68 -1.60
N GLN A 342 -1.23 -19.07 -2.86
CA GLN A 342 -0.46 -18.54 -3.99
C GLN A 342 -0.71 -17.05 -4.19
N ARG A 343 -1.98 -16.63 -4.12
CA ARG A 343 -2.28 -15.21 -4.27
C ARG A 343 -1.63 -14.39 -3.16
N PHE A 344 -1.77 -14.84 -1.91
CA PHE A 344 -1.23 -14.07 -0.80
C PHE A 344 0.29 -14.22 -0.75
N GLY A 345 0.79 -15.44 -0.95
CA GLY A 345 2.23 -15.65 -0.87
C GLY A 345 2.98 -14.84 -1.92
N ASP A 346 2.39 -14.68 -3.10
CA ASP A 346 2.88 -13.73 -4.10
C ASP A 346 4.36 -14.00 -4.43
N ILE A 347 4.64 -15.25 -4.83
CA ILE A 347 6.00 -15.81 -4.78
C ILE A 347 6.94 -15.14 -5.77
N VAL A 348 6.45 -14.66 -6.91
CA VAL A 348 7.27 -13.93 -7.88
C VAL A 348 6.64 -12.56 -8.09
N PRO A 349 6.85 -11.58 -7.22
CA PRO A 349 6.02 -10.36 -7.26
C PRO A 349 6.21 -9.49 -8.50
N LEU A 350 7.44 -9.40 -9.05
CA LEU A 350 7.69 -8.61 -10.26
C LEU A 350 7.90 -9.49 -11.49
N GLY A 351 7.31 -10.68 -11.50
CA GLY A 351 7.46 -11.57 -12.64
C GLY A 351 8.90 -11.84 -13.04
N VAL A 352 9.04 -12.20 -14.32
CA VAL A 352 10.32 -12.34 -15.00
C VAL A 352 10.28 -11.35 -16.17
N THR A 353 11.38 -10.65 -16.40
CA THR A 353 11.35 -9.59 -17.41
C THR A 353 11.13 -10.15 -18.81
N HIS A 354 10.42 -9.40 -19.62
CA HIS A 354 10.26 -9.57 -21.05
C HIS A 354 10.94 -8.41 -21.76
N MET A 355 10.97 -8.48 -23.08
CA MET A 355 11.38 -7.31 -23.84
C MET A 355 10.62 -7.28 -25.16
N THR A 356 10.24 -6.07 -25.58
CA THR A 356 9.48 -5.81 -26.78
C THR A 356 10.32 -6.09 -28.03
N SER A 357 9.71 -6.78 -29.00
CA SER A 357 10.28 -7.06 -30.32
C SER A 357 9.89 -6.03 -31.37
N ARG A 358 8.96 -5.15 -31.02
CA ARG A 358 8.37 -4.17 -31.91
C ARG A 358 7.90 -3.02 -31.03
N ASP A 359 7.52 -1.92 -31.67
CA ASP A 359 6.76 -0.91 -30.95
C ASP A 359 5.36 -1.45 -30.67
N ILE A 360 4.82 -1.15 -29.49
CA ILE A 360 3.50 -1.64 -29.09
C ILE A 360 2.78 -0.55 -28.34
N GLU A 361 1.46 -0.70 -28.25
CA GLU A 361 0.63 0.22 -27.48
C GLU A 361 0.01 -0.51 -26.29
N VAL A 362 0.30 -0.03 -25.07
CA VAL A 362 -0.29 -0.54 -23.84
C VAL A 362 -0.98 0.62 -23.13
N GLN A 363 -2.28 0.47 -22.85
CA GLN A 363 -3.05 1.47 -22.10
C GLN A 363 -2.92 2.87 -22.72
N GLY A 364 -2.94 2.92 -24.05
CA GLY A 364 -2.81 4.18 -24.76
C GLY A 364 -1.44 4.82 -24.66
N PHE A 365 -0.41 4.08 -24.26
CA PHE A 365 0.95 4.57 -24.25
C PHE A 365 1.77 3.84 -25.30
N ARG A 366 2.74 4.54 -25.86
CA ARG A 366 3.64 3.95 -26.84
C ARG A 366 4.84 3.40 -26.09
N ILE A 367 5.18 2.14 -26.35
CA ILE A 367 6.32 1.49 -25.74
C ILE A 367 7.27 1.11 -26.88
N PRO A 368 8.49 1.65 -26.90
CA PRO A 368 9.39 1.41 -28.04
C PRO A 368 9.87 -0.03 -28.08
N LYS A 369 10.36 -0.43 -29.26
CA LYS A 369 11.10 -1.68 -29.40
C LYS A 369 12.30 -1.67 -28.47
N GLY A 370 12.69 -2.87 -28.03
CA GLY A 370 13.83 -3.03 -27.14
C GLY A 370 13.64 -2.58 -25.71
N THR A 371 12.40 -2.35 -25.26
CA THR A 371 12.15 -1.98 -23.87
C THR A 371 12.02 -3.22 -23.01
N THR A 372 12.72 -3.23 -21.88
CA THR A 372 12.51 -4.26 -20.86
C THR A 372 11.18 -4.04 -20.17
N LEU A 373 10.27 -5.03 -20.25
CA LEU A 373 9.01 -4.98 -19.54
C LEU A 373 9.14 -5.69 -18.19
N ILE A 374 8.55 -5.08 -17.17
CA ILE A 374 8.40 -5.66 -15.86
C ILE A 374 6.91 -5.85 -15.67
N THR A 375 6.46 -7.10 -15.68
CA THR A 375 5.06 -7.40 -15.37
C THR A 375 4.90 -7.44 -13.85
N ASN A 376 4.25 -6.43 -13.26
CA ASN A 376 4.10 -6.37 -11.80
C ASN A 376 2.95 -7.29 -11.41
N LEU A 377 3.28 -8.58 -11.26
CA LEU A 377 2.29 -9.60 -10.96
C LEU A 377 1.66 -9.40 -9.58
N SER A 378 2.44 -8.88 -8.63
CA SER A 378 1.89 -8.56 -7.32
C SER A 378 0.75 -7.56 -7.45
N SER A 379 0.91 -6.53 -8.28
CA SER A 379 -0.18 -5.57 -8.49
C SER A 379 -1.43 -6.24 -9.09
N VAL A 380 -1.30 -7.44 -9.64
CA VAL A 380 -2.48 -8.16 -10.11
C VAL A 380 -3.08 -9.00 -8.99
N LEU A 381 -2.26 -9.76 -8.27
CA LEU A 381 -2.78 -10.63 -7.22
C LEU A 381 -3.33 -9.84 -6.04
N LYS A 382 -2.90 -8.60 -5.85
CA LYS A 382 -3.31 -7.77 -4.73
C LYS A 382 -3.95 -6.46 -5.20
N ASP A 383 -4.63 -6.51 -6.36
CA ASP A 383 -5.31 -5.34 -6.92
C ASP A 383 -6.53 -5.00 -6.08
N GLU A 384 -6.54 -3.81 -5.47
CA GLU A 384 -7.65 -3.43 -4.61
C GLU A 384 -8.97 -3.29 -5.38
N ALA A 385 -8.90 -3.00 -6.67
CA ALA A 385 -10.09 -2.88 -7.48
C ALA A 385 -10.75 -4.23 -7.76
N VAL A 386 -10.03 -5.34 -7.55
CA VAL A 386 -10.47 -6.68 -7.95
C VAL A 386 -10.87 -7.53 -6.75
N TRP A 387 -10.00 -7.61 -5.74
CA TRP A 387 -10.17 -8.54 -4.65
C TRP A 387 -10.80 -7.84 -3.45
N GLU A 388 -11.65 -8.59 -2.74
CA GLU A 388 -12.36 -8.03 -1.60
C GLU A 388 -11.39 -7.46 -0.58
N LYS A 389 -10.40 -8.25 -0.13
CA LYS A 389 -9.50 -7.88 0.96
C LYS A 389 -8.08 -8.25 0.55
N PRO A 390 -7.51 -7.56 -0.43
CA PRO A 390 -6.26 -8.05 -1.06
C PRO A 390 -5.09 -8.24 -0.09
N PHE A 391 -5.02 -7.49 1.01
CA PHE A 391 -3.90 -7.59 1.91
C PHE A 391 -4.14 -8.54 3.06
N ARG A 392 -5.26 -9.26 3.05
CA ARG A 392 -5.53 -10.27 4.07
C ARG A 392 -5.52 -11.66 3.43
N PHE A 393 -5.27 -12.67 4.27
CA PHE A 393 -5.46 -14.05 3.89
C PHE A 393 -6.93 -14.39 4.01
N HIS A 394 -7.57 -14.69 2.89
CA HIS A 394 -9.03 -14.68 2.81
C HIS A 394 -9.47 -15.68 1.74
N PRO A 395 -9.62 -16.96 2.11
CA PRO A 395 -9.96 -17.99 1.10
C PRO A 395 -11.21 -17.69 0.30
N GLU A 396 -12.15 -16.95 0.88
CA GLU A 396 -13.37 -16.58 0.16
C GLU A 396 -13.10 -15.71 -1.06
N HIS A 397 -11.85 -15.25 -1.27
CA HIS A 397 -11.45 -14.67 -2.56
C HIS A 397 -11.67 -15.62 -3.72
N PHE A 398 -11.72 -16.92 -3.47
CA PHE A 398 -11.89 -17.94 -4.51
C PHE A 398 -13.16 -18.76 -4.30
N LEU A 399 -14.09 -18.23 -3.50
CA LEU A 399 -15.35 -18.89 -3.21
C LEU A 399 -16.50 -17.93 -3.47
N ASP A 400 -17.64 -18.47 -3.81
CA ASP A 400 -18.86 -17.69 -3.87
C ASP A 400 -19.72 -17.97 -2.63
N ALA A 401 -20.87 -17.28 -2.47
CA ALA A 401 -21.61 -17.42 -1.21
C ALA A 401 -22.12 -18.84 -0.97
N GLN A 402 -22.31 -19.66 -2.00
CA GLN A 402 -22.70 -21.06 -1.75
C GLN A 402 -21.53 -21.98 -1.55
N GLY A 403 -20.32 -21.47 -1.55
CA GLY A 403 -19.17 -22.32 -1.31
C GLY A 403 -18.61 -22.97 -2.54
N HIS A 404 -19.01 -22.55 -3.74
CA HIS A 404 -18.40 -23.04 -4.98
C HIS A 404 -17.06 -22.35 -5.22
N PHE A 405 -16.14 -23.10 -5.83
CA PHE A 405 -14.84 -22.56 -6.18
C PHE A 405 -14.97 -21.70 -7.43
N VAL A 406 -14.38 -20.50 -7.39
CA VAL A 406 -14.30 -19.61 -8.53
C VAL A 406 -12.87 -19.07 -8.61
N LYS A 407 -12.35 -18.97 -9.83
CA LYS A 407 -11.01 -18.44 -10.05
C LYS A 407 -11.12 -17.13 -10.82
N PRO A 408 -10.88 -15.98 -10.21
CA PRO A 408 -10.94 -14.72 -10.95
C PRO A 408 -9.83 -14.64 -11.99
N GLU A 409 -10.07 -13.80 -13.01
CA GLU A 409 -9.06 -13.55 -14.03
CA GLU A 409 -9.06 -13.57 -14.03
C GLU A 409 -7.78 -12.97 -13.45
N ALA A 410 -7.87 -12.29 -12.31
CA ALA A 410 -6.69 -11.66 -11.70
C ALA A 410 -5.79 -12.68 -11.02
N PHE A 411 -6.18 -13.95 -10.99
CA PHE A 411 -5.26 -14.98 -10.49
C PHE A 411 -4.24 -15.29 -11.59
N LEU A 412 -3.15 -14.53 -11.58
CA LEU A 412 -2.07 -14.67 -12.53
C LEU A 412 -0.71 -14.93 -11.88
N PRO A 413 -0.59 -15.81 -10.89
CA PRO A 413 0.75 -16.05 -10.32
C PRO A 413 1.72 -16.68 -11.30
N PHE A 414 1.24 -17.26 -12.41
CA PHE A 414 2.12 -17.87 -13.41
C PHE A 414 2.32 -17.00 -14.65
N SER A 415 1.94 -15.72 -14.58
CA SER A 415 1.98 -14.77 -15.69
C SER A 415 1.04 -15.16 -16.80
N ALA A 416 1.22 -14.59 -17.99
CA ALA A 416 0.36 -14.89 -19.13
C ALA A 416 1.16 -14.91 -20.43
N GLY A 417 0.55 -15.41 -21.50
CA GLY A 417 1.18 -15.36 -22.80
C GLY A 417 2.08 -16.55 -23.04
N ARG A 418 2.85 -16.47 -24.14
CA ARG A 418 3.60 -17.63 -24.61
C ARG A 418 4.67 -18.05 -23.62
N ARG A 419 5.08 -17.16 -22.72
CA ARG A 419 6.13 -17.45 -21.75
C ARG A 419 5.57 -17.86 -20.38
N ALA A 420 4.25 -17.88 -20.21
CA ALA A 420 3.66 -18.23 -18.93
C ALA A 420 4.25 -19.55 -18.46
N CYS A 421 4.45 -19.64 -17.15
CA CYS A 421 5.13 -20.74 -16.49
C CYS A 421 4.73 -22.07 -17.09
N LEU A 422 5.68 -22.80 -17.66
CA LEU A 422 5.36 -24.13 -18.17
C LEU A 422 5.26 -25.16 -17.06
N GLY A 423 5.72 -24.83 -15.84
CA GLY A 423 5.55 -25.68 -14.68
C GLY A 423 4.16 -25.69 -14.08
N GLU A 424 3.26 -24.82 -14.56
CA GLU A 424 1.97 -24.63 -13.88
C GLU A 424 1.23 -25.94 -13.64
N PRO A 425 1.05 -26.84 -14.61
CA PRO A 425 0.30 -28.08 -14.30
C PRO A 425 0.99 -28.96 -13.26
N LEU A 426 2.33 -29.01 -13.24
CA LEU A 426 3.02 -29.76 -12.21
C LEU A 426 2.84 -29.09 -10.85
N ALA A 427 2.95 -27.75 -10.81
CA ALA A 427 2.74 -27.01 -9.57
C ALA A 427 1.35 -27.25 -9.00
N ARG A 428 0.32 -27.19 -9.85
CA ARG A 428 -1.05 -27.38 -9.41
C ARG A 428 -1.22 -28.77 -8.81
N MET A 429 -0.65 -29.79 -9.45
CA MET A 429 -0.75 -31.12 -8.91
C MET A 429 0.01 -31.22 -7.59
N GLU A 430 1.24 -30.71 -7.55
CA GLU A 430 2.06 -30.83 -6.35
C GLU A 430 1.43 -30.08 -5.19
N LEU A 431 1.00 -28.84 -5.44
CA LEU A 431 0.38 -28.04 -4.39
C LEU A 431 -0.76 -28.80 -3.74
N PHE A 432 -1.68 -29.32 -4.55
CA PHE A 432 -2.84 -30.02 -4.00
C PHE A 432 -2.42 -31.27 -3.22
N LEU A 433 -1.61 -32.14 -3.84
CA LEU A 433 -1.29 -33.42 -3.22
C LEU A 433 -0.46 -33.25 -1.95
N PHE A 434 0.63 -32.48 -2.01
CA PHE A 434 1.44 -32.29 -0.81
C PHE A 434 0.63 -31.57 0.29
N PHE A 435 -0.09 -30.51 -0.08
CA PHE A 435 -0.83 -29.73 0.90
C PHE A 435 -1.88 -30.60 1.60
N THR A 436 -2.69 -31.33 0.84
CA THR A 436 -3.75 -32.10 1.48
C THR A 436 -3.16 -33.26 2.28
N SER A 437 -2.10 -33.91 1.76
CA SER A 437 -1.48 -34.98 2.54
C SER A 437 -0.96 -34.49 3.89
N LEU A 438 -0.23 -33.37 3.90
CA LEU A 438 0.27 -32.84 5.16
C LEU A 438 -0.87 -32.52 6.12
N LEU A 439 -1.89 -31.83 5.63
CA LEU A 439 -3.00 -31.45 6.49
C LEU A 439 -3.90 -32.64 6.81
N GLN A 440 -3.86 -33.69 5.99
CA GLN A 440 -4.62 -34.91 6.28
C GLN A 440 -4.07 -35.62 7.50
N HIS A 441 -2.75 -35.58 7.70
CA HIS A 441 -2.10 -36.39 8.71
C HIS A 441 -1.57 -35.57 9.88
N PHE A 442 -1.49 -34.25 9.77
CA PHE A 442 -0.94 -33.48 10.87
C PHE A 442 -1.80 -32.27 11.18
N SER A 443 -1.53 -31.71 12.34
CA SER A 443 -2.15 -30.49 12.82
C SER A 443 -0.99 -29.56 13.12
N PHE A 444 -1.01 -28.37 12.52
CA PHE A 444 0.15 -27.50 12.56
C PHE A 444 -0.12 -26.32 13.48
N SER A 445 0.88 -25.92 14.25
CA SER A 445 0.64 -24.87 15.21
C SER A 445 1.91 -24.08 15.45
N VAL A 446 1.73 -22.81 15.84
CA VAL A 446 2.85 -22.01 16.36
C VAL A 446 3.37 -22.69 17.62
N PRO A 447 4.68 -22.76 17.84
CA PRO A 447 5.17 -23.48 19.03
C PRO A 447 4.80 -22.76 20.31
N THR A 448 4.37 -23.57 21.28
CA THR A 448 3.83 -23.16 22.58
C THR A 448 4.24 -21.78 23.11
N GLY A 449 5.53 -21.46 23.10
CA GLY A 449 5.98 -20.24 23.73
C GLY A 449 6.60 -19.19 22.84
N GLN A 450 6.38 -19.25 21.59
CA GLN A 450 7.08 -18.37 20.70
C GLN A 450 6.18 -17.27 20.19
N PRO A 451 6.77 -16.17 19.73
CA PRO A 451 5.97 -15.07 19.18
C PRO A 451 5.36 -15.44 17.84
N ARG A 452 4.23 -14.81 17.57
CA ARG A 452 3.43 -15.10 16.39
C ARG A 452 4.19 -14.71 15.14
N PRO A 453 4.47 -15.63 14.22
CA PRO A 453 5.35 -15.30 13.08
C PRO A 453 4.74 -14.26 12.14
N SER A 454 5.61 -13.45 11.56
CA SER A 454 5.21 -12.45 10.58
C SER A 454 4.61 -13.07 9.32
N HIS A 455 3.69 -12.35 8.70
CA HIS A 455 3.10 -12.72 7.41
C HIS A 455 3.73 -11.97 6.25
N HIS A 456 4.81 -11.24 6.50
CA HIS A 456 5.55 -10.54 5.47
C HIS A 456 6.80 -11.35 5.11
N GLY A 457 7.05 -11.51 3.81
CA GLY A 457 8.17 -12.29 3.35
C GLY A 457 9.38 -11.41 3.12
N VAL A 458 10.50 -12.08 2.85
CA VAL A 458 11.75 -11.39 2.56
C VAL A 458 11.88 -11.27 1.05
N PHE A 459 11.97 -10.04 0.57
CA PHE A 459 11.96 -9.77 -0.86
C PHE A 459 13.28 -10.20 -1.50
N ALA A 460 13.16 -10.98 -2.56
CA ALA A 460 14.26 -11.30 -3.48
C ALA A 460 13.60 -11.48 -4.85
N PHE A 461 14.25 -12.21 -5.75
CA PHE A 461 13.55 -12.62 -6.96
C PHE A 461 12.30 -13.44 -6.61
N LEU A 462 12.47 -14.41 -5.74
CA LEU A 462 11.39 -15.21 -5.19
C LEU A 462 11.18 -14.80 -3.73
N VAL A 463 9.93 -14.60 -3.30
CA VAL A 463 9.61 -14.15 -1.95
C VAL A 463 9.22 -15.33 -1.07
N SER A 464 10.10 -15.68 -0.13
CA SER A 464 9.86 -16.70 0.86
C SER A 464 9.26 -16.10 2.12
N PRO A 465 8.49 -16.87 2.90
CA PRO A 465 8.03 -16.36 4.18
C PRO A 465 9.22 -16.05 5.06
N SER A 466 9.06 -15.05 5.91
CA SER A 466 10.05 -14.82 6.94
C SER A 466 10.27 -16.11 7.75
N PRO A 467 11.50 -16.41 8.18
CA PRO A 467 11.75 -17.69 8.86
C PRO A 467 10.92 -17.86 10.12
N TYR A 468 10.35 -19.05 10.26
CA TYR A 468 9.42 -19.38 11.34
C TYR A 468 9.58 -20.86 11.68
N GLU A 469 9.06 -21.25 12.84
CA GLU A 469 9.03 -22.64 13.26
C GLU A 469 7.60 -23.07 13.50
N LEU A 470 7.34 -24.35 13.36
CA LEU A 470 6.03 -24.88 13.67
C LEU A 470 6.18 -26.20 14.41
N CYS A 471 5.04 -26.73 14.86
CA CYS A 471 4.94 -28.04 15.46
C CYS A 471 3.96 -28.80 14.61
N ALA A 472 4.29 -30.03 14.27
CA ALA A 472 3.42 -30.91 13.50
C ALA A 472 3.00 -32.01 14.45
N VAL A 473 1.71 -32.07 14.76
CA VAL A 473 1.18 -33.02 15.73
C VAL A 473 0.24 -33.96 14.98
N PRO A 474 0.48 -35.27 14.99
CA PRO A 474 -0.36 -36.18 14.21
C PRO A 474 -1.81 -36.12 14.66
N ARG A 475 -2.71 -36.40 13.73
CA ARG A 475 -4.15 -36.40 13.98
C ARG A 475 -4.70 -37.78 14.42
N HIS A 476 -3.88 -38.81 14.46
CA HIS A 476 -4.32 -40.20 14.57
C HIS A 476 -3.10 -41.03 14.94
N HIS A 477 -3.32 -42.25 15.44
CA HIS A 477 -2.29 -43.28 15.53
C HIS A 477 -2.36 -44.31 14.41
N HIS A 478 -3.57 -44.59 13.91
CA HIS A 478 -3.82 -45.63 12.91
C HIS A 478 -4.71 -45.12 11.76
N GLY B 9 14.53 1.10 30.58
CA GLY B 9 13.81 1.47 29.37
C GLY B 9 14.67 1.56 28.11
N LYS B 10 14.27 0.80 27.08
CA LYS B 10 14.98 0.78 25.81
C LYS B 10 14.39 1.83 24.87
N LEU B 11 15.23 2.74 24.38
CA LEU B 11 14.79 3.78 23.45
C LEU B 11 14.33 3.15 22.13
N PRO B 12 13.58 3.91 21.32
CA PRO B 12 13.07 3.36 20.04
C PRO B 12 14.17 3.23 19.00
N PRO B 13 14.14 2.17 18.19
CA PRO B 13 15.18 1.96 17.17
C PRO B 13 15.18 3.06 16.13
N GLY B 14 16.27 3.17 15.38
CA GLY B 14 16.35 4.13 14.30
C GLY B 14 17.73 4.32 13.70
N PRO B 15 17.79 4.96 12.52
CA PRO B 15 19.02 5.24 11.77
C PRO B 15 19.79 6.47 12.26
N PHE B 29 11.16 15.29 0.54
CA PHE B 29 10.12 16.26 0.23
C PHE B 29 8.77 15.55 0.04
N GLN B 30 8.66 14.76 -1.03
CA GLN B 30 7.44 14.04 -1.37
C GLN B 30 7.53 12.56 -1.06
N ASN B 31 8.63 12.11 -0.46
CA ASN B 31 8.78 10.70 -0.10
C ASN B 31 8.73 10.49 1.40
N THR B 32 8.47 11.56 2.19
CA THR B 32 8.32 11.48 3.64
C THR B 32 7.33 10.38 4.02
N PRO B 33 6.10 10.35 3.47
CA PRO B 33 5.19 9.26 3.84
C PRO B 33 5.71 7.91 3.41
N TYR B 34 6.28 7.83 2.20
CA TYR B 34 6.92 6.58 1.79
C TYR B 34 8.10 6.24 2.68
N CYS B 35 9.00 7.22 2.90
CA CYS B 35 10.12 7.00 3.81
C CYS B 35 9.65 6.61 5.20
N PHE B 36 8.55 7.20 5.67
CA PHE B 36 8.03 6.82 6.99
C PHE B 36 7.46 5.41 6.97
N ASP B 37 6.76 5.03 5.89
CA ASP B 37 6.33 3.64 5.71
C ASP B 37 7.55 2.73 5.60
N GLN B 38 8.53 3.15 4.80
CA GLN B 38 9.80 2.45 4.67
C GLN B 38 10.43 2.17 6.04
N LEU B 39 10.69 3.23 6.82
CA LEU B 39 11.32 3.05 8.13
C LEU B 39 10.41 2.26 9.07
N ARG B 40 9.10 2.49 8.99
CA ARG B 40 8.17 1.70 9.79
C ARG B 40 8.39 0.21 9.58
N ARG B 41 8.48 -0.22 8.31
CA ARG B 41 8.71 -1.62 7.97
C ARG B 41 10.00 -2.13 8.60
N ARG B 42 11.08 -1.38 8.44
CA ARG B 42 12.36 -1.78 9.04
C ARG B 42 12.29 -1.79 10.57
N PHE B 43 11.96 -0.66 11.20
CA PHE B 43 12.19 -0.50 12.63
C PHE B 43 10.96 -0.66 13.51
N GLY B 44 9.77 -0.72 12.94
CA GLY B 44 8.57 -0.92 13.73
C GLY B 44 7.71 0.32 13.84
N ASP B 45 6.70 0.24 14.70
CA ASP B 45 5.71 1.30 14.82
C ASP B 45 6.26 2.55 15.50
N VAL B 46 7.32 2.41 16.29
CA VAL B 46 7.90 3.52 17.05
C VAL B 46 9.37 3.59 16.70
N PHE B 47 9.75 4.58 15.90
CA PHE B 47 11.15 4.74 15.53
C PHE B 47 11.62 6.15 15.82
N SER B 48 12.95 6.30 15.88
CA SER B 48 13.64 7.52 16.24
C SER B 48 14.19 8.22 15.01
N LEU B 49 14.34 9.54 15.10
CA LEU B 49 15.06 10.33 14.11
C LEU B 49 15.72 11.51 14.81
N GLN B 50 16.79 12.03 14.19
CA GLN B 50 17.53 13.18 14.70
C GLN B 50 17.61 14.19 13.56
N LEU B 51 16.71 15.16 13.59
CA LEU B 51 16.56 16.11 12.49
C LEU B 51 16.87 17.51 13.00
N ALA B 52 17.89 18.14 12.41
CA ALA B 52 18.37 19.44 12.88
C ALA B 52 18.68 19.38 14.37
N TRP B 53 19.34 18.30 14.79
CA TRP B 53 19.80 18.12 16.17
C TRP B 53 18.68 18.29 17.19
N THR B 54 17.49 17.78 16.85
CA THR B 54 16.39 17.67 17.80
C THR B 54 15.90 16.23 17.84
N PRO B 55 15.57 15.71 19.02
CA PRO B 55 15.17 14.29 19.12
C PRO B 55 13.72 14.10 18.68
N VAL B 56 13.50 13.24 17.68
CA VAL B 56 12.18 12.99 17.12
C VAL B 56 11.85 11.50 17.27
N VAL B 57 10.61 11.21 17.63
CA VAL B 57 10.07 9.84 17.66
C VAL B 57 8.76 9.84 16.88
N VAL B 58 8.68 9.00 15.85
CA VAL B 58 7.48 8.85 15.02
C VAL B 58 6.63 7.71 15.54
N LEU B 59 5.33 7.94 15.67
CA LEU B 59 4.34 6.94 16.08
C LEU B 59 3.43 6.54 14.92
N ASN B 60 3.32 5.23 14.68
CA ASN B 60 2.58 4.66 13.55
C ASN B 60 1.57 3.64 14.07
N GLY B 61 0.39 3.63 13.47
CA GLY B 61 -0.66 2.73 13.90
C GLY B 61 -1.47 3.23 15.07
N LEU B 62 -2.72 2.78 15.14
CA LEU B 62 -3.65 3.30 16.13
C LEU B 62 -3.13 3.09 17.55
N ALA B 63 -2.45 1.96 17.80
CA ALA B 63 -2.03 1.63 19.16
C ALA B 63 -0.92 2.55 19.65
N ALA B 64 0.08 2.84 18.81
CA ALA B 64 1.14 3.75 19.24
C ALA B 64 0.60 5.16 19.45
N VAL B 65 -0.20 5.67 18.50
CA VAL B 65 -0.73 7.02 18.62
C VAL B 65 -1.59 7.13 19.88
N ARG B 66 -2.49 6.18 20.07
CA ARG B 66 -3.45 6.27 21.17
C ARG B 66 -2.77 6.09 22.53
N GLU B 67 -1.78 5.21 22.62
CA GLU B 67 -1.01 5.09 23.87
C GLU B 67 -0.31 6.40 24.20
N ALA B 68 0.32 7.01 23.21
CA ALA B 68 1.01 8.28 23.44
C ALA B 68 0.01 9.40 23.77
N LEU B 69 -1.00 9.60 22.91
CA LEU B 69 -1.86 10.78 23.02
C LEU B 69 -2.96 10.64 24.07
N VAL B 70 -3.43 9.42 24.34
CA VAL B 70 -4.50 9.24 25.32
C VAL B 70 -3.94 8.74 26.65
N THR B 71 -3.43 7.51 26.66
CA THR B 71 -2.95 6.90 27.89
C THR B 71 -1.93 7.79 28.59
N HIS B 72 -0.92 8.26 27.86
CA HIS B 72 0.06 9.21 28.39
C HIS B 72 -0.30 10.65 28.00
N GLY B 73 -1.61 10.91 27.98
CA GLY B 73 -2.13 12.18 27.52
C GLY B 73 -1.66 13.38 28.30
N GLU B 74 -1.49 13.24 29.63
CA GLU B 74 -1.05 14.35 30.46
C GLU B 74 0.38 14.77 30.17
N ASP B 75 1.17 13.88 29.55
CA ASP B 75 2.57 14.15 29.27
C ASP B 75 2.88 14.38 27.79
N THR B 76 1.89 14.30 26.90
CA THR B 76 2.12 14.49 25.46
C THR B 76 1.29 15.63 24.89
N ALA B 77 0.68 16.46 25.72
CA ALA B 77 -0.21 17.52 25.26
C ALA B 77 0.52 18.82 24.96
N ASP B 78 1.84 18.81 24.97
CA ASP B 78 2.61 20.03 24.76
C ASP B 78 3.06 20.12 23.29
N ARG B 79 3.32 21.32 22.86
CA ARG B 79 3.81 21.49 21.52
C ARG B 79 5.29 21.83 21.58
N PRO B 80 6.05 21.48 20.54
CA PRO B 80 7.42 21.94 20.46
C PRO B 80 7.46 23.45 20.50
N PRO B 81 8.39 24.03 21.25
CA PRO B 81 8.52 25.49 21.29
C PRO B 81 8.66 26.03 19.88
N VAL B 82 7.96 27.13 19.61
CA VAL B 82 8.01 27.80 18.31
C VAL B 82 8.50 29.23 18.57
N PRO B 83 9.81 29.43 18.71
CA PRO B 83 10.31 30.80 18.95
C PRO B 83 9.92 31.79 17.86
N ILE B 84 9.75 31.36 16.61
CA ILE B 84 9.45 32.27 15.51
C ILE B 84 8.15 33.02 15.73
N THR B 85 7.22 32.47 16.51
CA THR B 85 5.92 33.12 16.69
C THR B 85 6.00 34.44 17.48
N GLN B 86 7.17 34.85 17.96
CA GLN B 86 7.24 36.15 18.62
C GLN B 86 6.88 37.25 17.64
N ILE B 87 7.21 37.06 16.35
CA ILE B 87 6.82 38.05 15.34
C ILE B 87 5.31 38.31 15.40
N LEU B 88 4.51 37.26 15.54
CA LEU B 88 3.06 37.39 15.50
C LEU B 88 2.46 37.86 16.82
N GLY B 89 3.26 38.30 17.79
CA GLY B 89 2.73 38.74 19.06
C GLY B 89 2.45 37.63 20.05
N PHE B 90 3.09 36.47 19.90
CA PHE B 90 2.91 35.39 20.86
C PHE B 90 3.72 35.68 22.11
N GLY B 91 3.18 35.24 23.26
CA GLY B 91 3.84 35.38 24.54
C GLY B 91 3.16 34.55 25.62
N PRO B 92 3.60 34.70 26.87
CA PRO B 92 3.15 33.75 27.91
C PRO B 92 1.64 33.66 28.10
N ARG B 93 0.92 34.78 28.11
CA ARG B 93 -0.52 34.74 28.25
C ARG B 93 -1.23 35.08 26.93
N SER B 94 -0.53 34.97 25.80
CA SER B 94 -1.11 35.24 24.47
C SER B 94 -0.53 34.21 23.50
N GLN B 95 -1.18 33.06 23.42
CA GLN B 95 -0.62 31.95 22.67
C GLN B 95 -1.59 31.28 21.71
N GLY B 96 -2.79 31.80 21.55
CA GLY B 96 -3.78 31.11 20.74
C GLY B 96 -4.05 29.73 21.30
N VAL B 97 -4.48 28.83 20.43
CA VAL B 97 -4.73 27.43 20.77
C VAL B 97 -3.78 26.51 20.04
N PHE B 98 -3.68 26.67 18.71
CA PHE B 98 -3.02 25.70 17.85
C PHE B 98 -1.56 25.52 18.24
N LEU B 99 -0.80 26.61 18.27
CA LEU B 99 0.61 26.53 18.61
C LEU B 99 0.89 26.70 20.11
N ALA B 100 -0.14 26.84 20.94
CA ALA B 100 0.06 27.16 22.35
C ALA B 100 0.77 26.03 23.10
N ARG B 101 1.71 26.41 23.96
CA ARG B 101 2.28 25.44 24.87
C ARG B 101 1.24 24.95 25.86
N TYR B 102 1.37 23.68 26.26
CA TYR B 102 0.47 23.09 27.24
C TYR B 102 0.62 23.84 28.54
N GLY B 103 -0.47 24.37 29.06
CA GLY B 103 -0.43 25.29 30.17
C GLY B 103 -1.75 26.03 30.28
N PRO B 104 -1.84 26.93 31.26
CA PRO B 104 -3.12 27.62 31.49
C PRO B 104 -3.52 28.51 30.31
N ALA B 105 -2.58 29.15 29.62
CA ALA B 105 -2.95 29.95 28.46
C ALA B 105 -3.67 29.10 27.41
N TRP B 106 -3.12 27.92 27.09
CA TRP B 106 -3.77 27.00 26.16
C TRP B 106 -5.10 26.51 26.70
N ARG B 107 -5.17 26.12 27.99
CA ARG B 107 -6.36 25.47 28.55
C ARG B 107 -7.54 26.44 28.60
N GLU B 108 -7.28 27.68 28.99
CA GLU B 108 -8.33 28.69 29.03
C GLU B 108 -8.86 28.97 27.63
N GLN B 109 -7.96 29.24 26.67
CA GLN B 109 -8.40 29.51 25.30
C GLN B 109 -9.05 28.30 24.66
N ARG B 110 -8.51 27.10 24.92
CA ARG B 110 -9.14 25.87 24.44
C ARG B 110 -10.57 25.76 24.96
N ARG B 111 -10.76 25.90 26.28
CA ARG B 111 -12.09 25.80 26.87
C ARG B 111 -13.01 26.93 26.40
N PHE B 112 -12.49 28.15 26.30
CA PHE B 112 -13.31 29.26 25.80
C PHE B 112 -13.80 29.01 24.36
N SER B 113 -12.91 28.59 23.46
CA SER B 113 -13.32 28.29 22.09
C SER B 113 -14.34 27.16 22.02
N VAL B 114 -14.11 26.06 22.77
CA VAL B 114 -15.03 24.92 22.73
C VAL B 114 -16.43 25.36 23.13
N SER B 115 -16.56 26.00 24.29
CA SER B 115 -17.88 26.35 24.79
C SER B 115 -18.53 27.49 24.01
N THR B 116 -17.76 28.50 23.59
CA THR B 116 -18.42 29.60 22.89
C THR B 116 -18.92 29.14 21.52
N LEU B 117 -18.18 28.25 20.85
CA LEU B 117 -18.69 27.67 19.61
C LEU B 117 -20.01 26.96 19.85
N ARG B 118 -20.03 26.03 20.81
CA ARG B 118 -21.26 25.32 21.15
C ARG B 118 -22.37 26.29 21.54
N ASN B 119 -22.05 27.32 22.34
CA ASN B 119 -23.08 28.27 22.75
C ASN B 119 -23.53 29.16 21.59
N LEU B 120 -22.71 29.30 20.55
CA LEU B 120 -23.13 30.07 19.38
C LEU B 120 -24.04 29.29 18.47
N GLY B 121 -24.52 28.13 18.93
CA GLY B 121 -25.40 27.32 18.13
C GLY B 121 -24.71 26.22 17.36
N LEU B 122 -23.50 25.82 17.77
CA LEU B 122 -22.78 24.78 17.04
C LEU B 122 -23.54 23.44 17.08
N GLY B 123 -24.14 23.11 18.21
CA GLY B 123 -24.91 21.89 18.31
C GLY B 123 -26.41 22.08 18.15
N LYS B 124 -26.84 23.34 18.12
CA LYS B 124 -28.26 23.68 18.01
C LYS B 124 -28.65 23.78 16.53
N LYS B 125 -29.84 24.30 16.26
CA LYS B 125 -30.35 24.38 14.90
C LYS B 125 -30.15 25.75 14.26
N SER B 126 -29.67 26.75 15.01
CA SER B 126 -29.48 28.06 14.42
C SER B 126 -28.31 28.05 13.44
N LEU B 127 -27.21 27.40 13.82
CA LEU B 127 -26.05 27.36 12.94
C LEU B 127 -26.30 26.49 11.72
N GLU B 128 -26.98 25.35 11.89
CA GLU B 128 -27.34 24.54 10.73
C GLU B 128 -28.03 25.38 9.68
N GLN B 129 -28.96 26.24 10.10
CA GLN B 129 -29.62 27.12 9.13
C GLN B 129 -28.69 28.22 8.64
N TRP B 130 -27.67 28.58 9.42
CA TRP B 130 -26.68 29.53 8.91
C TRP B 130 -25.81 28.90 7.83
N VAL B 131 -25.14 27.78 8.14
CA VAL B 131 -24.37 27.04 7.14
C VAL B 131 -25.23 26.71 5.93
N THR B 132 -26.48 26.33 6.17
CA THR B 132 -27.37 26.00 5.06
C THR B 132 -27.70 27.22 4.22
N GLU B 133 -27.56 28.44 4.76
CA GLU B 133 -27.70 29.65 3.95
C GLU B 133 -26.43 29.94 3.18
N GLU B 134 -25.27 29.61 3.75
CA GLU B 134 -24.04 29.78 2.97
C GLU B 134 -23.93 28.73 1.87
N ALA B 135 -24.49 27.52 2.10
CA ALA B 135 -24.56 26.53 1.03
C ALA B 135 -25.40 27.04 -0.14
N ALA B 136 -26.53 27.69 0.16
CA ALA B 136 -27.34 28.29 -0.90
C ALA B 136 -26.55 29.31 -1.70
N CYS B 137 -25.75 30.14 -1.02
CA CYS B 137 -24.91 31.09 -1.73
C CYS B 137 -23.91 30.36 -2.60
N LEU B 138 -23.41 29.23 -2.11
CA LEU B 138 -22.38 28.48 -2.83
C LEU B 138 -22.99 27.78 -4.03
N CYS B 139 -24.19 27.21 -3.88
CA CYS B 139 -24.90 26.59 -5.00
C CYS B 139 -25.17 27.62 -6.11
N ALA B 140 -25.57 28.84 -5.72
CA ALA B 140 -25.84 29.89 -6.69
C ALA B 140 -24.57 30.32 -7.40
N ALA B 141 -23.45 30.43 -6.67
CA ALA B 141 -22.19 30.74 -7.34
C ALA B 141 -21.75 29.63 -8.29
N PHE B 142 -22.03 28.36 -7.91
CA PHE B 142 -21.77 27.24 -8.83
C PHE B 142 -22.68 27.35 -10.05
N ALA B 143 -23.97 27.63 -9.83
CA ALA B 143 -24.91 27.75 -10.94
C ALA B 143 -24.49 28.82 -11.94
N ASN B 144 -23.81 29.89 -11.49
CA ASN B 144 -23.47 30.97 -12.39
C ASN B 144 -22.34 30.61 -13.37
N HIS B 145 -21.75 29.43 -13.27
CA HIS B 145 -20.87 28.96 -14.33
C HIS B 145 -21.64 28.32 -15.48
N SER B 146 -22.96 28.10 -15.30
CA SER B 146 -23.90 27.73 -16.35
C SER B 146 -23.54 26.42 -17.03
N GLY B 147 -22.71 25.60 -16.39
CA GLY B 147 -22.27 24.33 -16.92
C GLY B 147 -20.84 24.31 -17.42
N ARG B 148 -20.19 25.47 -17.49
CA ARG B 148 -18.82 25.52 -17.99
C ARG B 148 -17.85 24.94 -16.95
N PRO B 149 -16.82 24.25 -17.40
CA PRO B 149 -15.88 23.63 -16.45
C PRO B 149 -15.16 24.69 -15.63
N PHE B 150 -14.96 24.39 -14.34
CA PHE B 150 -14.30 25.31 -13.44
C PHE B 150 -13.67 24.56 -12.27
N ARG B 151 -12.62 25.14 -11.69
CA ARG B 151 -12.05 24.67 -10.43
C ARG B 151 -12.93 25.13 -9.27
N PRO B 152 -13.49 24.21 -8.48
CA PRO B 152 -14.35 24.64 -7.37
C PRO B 152 -13.60 25.16 -6.15
N ASN B 153 -12.27 25.18 -6.17
CA ASN B 153 -11.48 25.43 -4.96
C ASN B 153 -11.78 26.81 -4.36
N GLY B 154 -11.64 27.86 -5.17
CA GLY B 154 -11.88 29.21 -4.68
C GLY B 154 -13.25 29.39 -4.08
N LEU B 155 -14.28 28.83 -4.69
CA LEU B 155 -15.60 29.05 -4.13
C LEU B 155 -15.78 28.25 -2.85
N LEU B 156 -15.13 27.09 -2.74
CA LEU B 156 -15.22 26.32 -1.51
C LEU B 156 -14.54 27.07 -0.37
N ASP B 157 -13.32 27.57 -0.62
CA ASP B 157 -12.65 28.47 0.31
C ASP B 157 -13.59 29.58 0.81
N LYS B 158 -14.24 30.30 -0.13
CA LYS B 158 -15.06 31.43 0.27
C LYS B 158 -16.22 31.00 1.15
N ALA B 159 -16.94 29.94 0.75
CA ALA B 159 -18.14 29.61 1.51
C ALA B 159 -17.81 29.11 2.91
N VAL B 160 -16.70 28.40 3.04
CA VAL B 160 -16.27 27.86 4.31
C VAL B 160 -15.68 28.97 5.18
N SER B 161 -14.96 29.92 4.57
CA SER B 161 -14.48 31.08 5.31
C SER B 161 -15.65 31.90 5.85
N ASN B 162 -16.73 32.05 5.08
CA ASN B 162 -17.88 32.79 5.62
C ASN B 162 -18.51 32.11 6.82
N VAL B 163 -18.37 30.79 6.97
CA VAL B 163 -18.95 30.14 8.13
C VAL B 163 -18.13 30.46 9.39
N ILE B 164 -16.81 30.36 9.29
CA ILE B 164 -15.99 30.70 10.45
C ILE B 164 -15.97 32.21 10.69
N ALA B 165 -15.99 33.02 9.62
CA ALA B 165 -16.19 34.46 9.75
C ALA B 165 -17.46 34.76 10.50
N SER B 166 -18.56 34.07 10.17
CA SER B 166 -19.81 34.28 10.87
C SER B 166 -19.65 33.98 12.36
N LEU B 167 -18.89 32.96 12.69
CA LEU B 167 -18.81 32.54 14.08
C LEU B 167 -17.85 33.40 14.86
N THR B 168 -16.77 33.85 14.25
CA THR B 168 -15.78 34.63 14.98
C THR B 168 -16.06 36.12 14.92
N CYS B 169 -16.42 36.65 13.74
CA CYS B 169 -16.56 38.08 13.55
C CYS B 169 -17.99 38.52 13.30
N GLY B 170 -18.96 37.61 13.40
CA GLY B 170 -20.37 37.95 13.28
C GLY B 170 -20.81 38.46 11.91
N ARG B 171 -20.05 38.18 10.85
CA ARG B 171 -20.43 38.65 9.53
C ARG B 171 -19.94 37.68 8.45
N ARG B 172 -20.59 37.73 7.30
CA ARG B 172 -20.06 37.09 6.12
C ARG B 172 -19.58 38.17 5.16
N PHE B 173 -18.98 37.72 4.06
CA PHE B 173 -18.52 38.61 3.01
C PHE B 173 -19.08 38.15 1.67
N GLU B 174 -19.39 39.11 0.80
CA GLU B 174 -19.75 38.76 -0.56
C GLU B 174 -18.54 38.16 -1.29
N TYR B 175 -18.82 37.18 -2.16
CA TYR B 175 -17.75 36.49 -2.90
C TYR B 175 -16.92 37.40 -3.78
N ASP B 176 -17.39 38.62 -4.07
CA ASP B 176 -16.71 39.62 -4.88
C ASP B 176 -15.99 40.66 -4.05
N ASP B 177 -16.14 40.64 -2.73
CA ASP B 177 -15.58 41.65 -1.85
C ASP B 177 -14.06 41.68 -1.96
N PRO B 178 -13.45 42.82 -2.28
CA PRO B 178 -11.98 42.84 -2.43
C PRO B 178 -11.24 42.52 -1.14
N ARG B 179 -11.73 43.03 -0.01
CA ARG B 179 -11.15 42.72 1.29
C ARG B 179 -11.18 41.21 1.58
N PHE B 180 -12.31 40.57 1.26
CA PHE B 180 -12.50 39.13 1.46
C PHE B 180 -11.49 38.32 0.66
N LEU B 181 -11.31 38.66 -0.62
CA LEU B 181 -10.34 37.93 -1.43
C LEU B 181 -8.92 38.14 -0.92
N ARG B 182 -8.63 39.34 -0.42
CA ARG B 182 -7.32 39.62 0.14
C ARG B 182 -7.09 38.81 1.42
N LEU B 183 -8.06 38.87 2.35
CA LEU B 183 -8.01 38.05 3.56
C LEU B 183 -7.80 36.57 3.25
N LEU B 184 -8.51 36.05 2.25
CA LEU B 184 -8.37 34.64 1.88
C LEU B 184 -7.02 34.35 1.24
N ASP B 185 -6.58 35.23 0.33
CA ASP B 185 -5.26 35.08 -0.29
C ASP B 185 -4.15 35.02 0.75
N LEU B 186 -4.15 35.97 1.70
CA LEU B 186 -3.15 36.02 2.75
C LEU B 186 -3.23 34.84 3.71
N ALA B 187 -4.40 34.22 3.84
CA ALA B 187 -4.54 33.03 4.68
C ALA B 187 -3.91 31.82 4.01
N GLN B 188 -4.23 31.58 2.74
CA GLN B 188 -3.62 30.48 1.99
C GLN B 188 -2.10 30.59 1.95
N GLU B 189 -1.60 31.82 1.68
CA GLU B 189 -0.16 32.06 1.58
C GLU B 189 0.52 31.92 2.94
N GLY B 190 -0.11 32.44 3.99
CA GLY B 190 0.43 32.28 5.33
C GLY B 190 0.48 30.84 5.78
N LEU B 191 -0.44 30.00 5.26
CA LEU B 191 -0.39 28.58 5.54
C LEU B 191 0.81 27.93 4.84
N LYS B 192 1.14 28.40 3.64
CA LYS B 192 2.32 27.90 2.94
C LYS B 192 3.59 28.24 3.71
N GLU B 193 3.64 29.40 4.36
CA GLU B 193 4.82 29.77 5.14
C GLU B 193 5.02 28.84 6.32
N GLU B 194 3.93 28.31 6.87
CA GLU B 194 4.02 27.49 8.08
C GLU B 194 4.88 26.25 7.86
N SER B 195 4.85 25.68 6.65
CA SER B 195 5.69 24.55 6.27
C SER B 195 6.88 24.98 5.42
N GLY B 196 7.01 26.28 5.13
CA GLY B 196 8.11 26.77 4.33
C GLY B 196 9.47 26.61 4.99
N PHE B 197 10.49 26.53 4.14
CA PHE B 197 11.84 26.25 4.61
C PHE B 197 12.38 27.35 5.52
N LEU B 198 12.15 28.61 5.14
CA LEU B 198 12.78 29.71 5.83
C LEU B 198 12.23 29.86 7.25
N ARG B 199 10.96 29.49 7.47
CA ARG B 199 10.42 29.51 8.83
C ARG B 199 11.06 28.45 9.70
N GLU B 200 11.21 27.22 9.17
CA GLU B 200 11.78 26.16 9.99
C GLU B 200 13.23 26.43 10.32
N VAL B 201 13.97 27.09 9.42
CA VAL B 201 15.38 27.41 9.66
C VAL B 201 15.49 28.47 10.75
N LEU B 202 14.72 29.56 10.61
CA LEU B 202 14.74 30.60 11.61
C LEU B 202 14.08 30.16 12.92
N ASN B 203 13.28 29.10 12.88
CA ASN B 203 12.70 28.55 14.10
C ASN B 203 13.69 27.63 14.80
N ALA B 204 14.45 26.84 14.04
CA ALA B 204 15.45 25.98 14.66
C ALA B 204 16.61 26.79 15.23
N VAL B 205 16.98 27.88 14.59
CA VAL B 205 18.04 28.72 15.12
C VAL B 205 17.45 30.13 15.26
N PRO B 206 16.85 30.47 16.41
CA PRO B 206 16.08 31.72 16.56
C PRO B 206 16.93 32.97 16.69
N VAL B 207 18.26 32.84 16.83
CA VAL B 207 19.08 34.03 16.89
C VAL B 207 19.19 34.71 15.54
N LEU B 208 19.03 33.97 14.43
CA LEU B 208 19.05 34.65 13.13
C LEU B 208 17.93 35.66 13.00
N LEU B 209 16.97 35.66 13.92
CA LEU B 209 15.92 36.67 13.90
C LEU B 209 16.45 38.07 14.18
N HIS B 210 17.68 38.20 14.70
CA HIS B 210 18.26 39.52 14.93
C HIS B 210 18.70 40.21 13.65
N ILE B 211 18.67 39.52 12.51
CA ILE B 211 18.99 40.16 11.23
C ILE B 211 17.70 40.68 10.60
N PRO B 212 17.47 42.00 10.63
CA PRO B 212 16.15 42.55 10.29
C PRO B 212 15.69 42.26 8.87
N ALA B 213 16.60 41.92 7.95
CA ALA B 213 16.16 41.55 6.61
C ALA B 213 15.56 40.14 6.61
N LEU B 214 16.26 39.20 7.24
CA LEU B 214 15.72 37.85 7.44
C LEU B 214 14.41 37.90 8.20
N ALA B 215 14.42 38.54 9.38
CA ALA B 215 13.24 38.55 10.24
C ALA B 215 12.06 39.25 9.58
N GLY B 216 12.31 40.25 8.73
CA GLY B 216 11.25 40.99 8.08
C GLY B 216 10.62 40.34 6.86
N LYS B 217 10.94 39.09 6.57
CA LYS B 217 10.37 38.42 5.42
C LYS B 217 9.89 37.00 5.69
N VAL B 218 10.14 36.44 6.89
CA VAL B 218 9.93 35.01 7.11
C VAL B 218 8.45 34.67 7.12
N LEU B 219 7.64 35.47 7.81
CA LEU B 219 6.22 35.21 7.97
C LEU B 219 5.42 36.42 7.55
N ARG B 220 5.81 37.06 6.45
CA ARG B 220 5.15 38.31 6.06
C ARG B 220 3.68 38.10 5.73
N PHE B 221 3.31 36.96 5.12
CA PHE B 221 1.91 36.77 4.79
C PHE B 221 1.08 36.50 6.03
N GLN B 222 1.64 35.76 7.00
CA GLN B 222 0.96 35.61 8.27
C GLN B 222 0.82 36.96 8.97
N LYS B 223 1.88 37.77 8.94
CA LYS B 223 1.81 39.13 9.46
C LYS B 223 0.71 39.92 8.78
N ALA B 224 0.65 39.87 7.44
CA ALA B 224 -0.31 40.67 6.70
C ALA B 224 -1.74 40.20 6.97
N PHE B 225 -1.96 38.89 7.03
CA PHE B 225 -3.26 38.34 7.38
C PHE B 225 -3.70 38.85 8.75
N LEU B 226 -2.77 38.83 9.71
CA LEU B 226 -3.07 39.37 11.05
C LEU B 226 -3.42 40.84 11.00
N THR B 227 -2.68 41.64 10.22
CA THR B 227 -2.99 43.07 10.17
C THR B 227 -4.30 43.33 9.44
N GLN B 228 -4.62 42.54 8.39
CA GLN B 228 -5.95 42.62 7.81
C GLN B 228 -7.02 42.32 8.86
N LEU B 229 -6.75 41.34 9.71
CA LEU B 229 -7.68 40.98 10.78
C LEU B 229 -7.84 42.10 11.80
N ASP B 230 -6.72 42.75 12.19
CA ASP B 230 -6.80 43.89 13.10
C ASP B 230 -7.82 44.92 12.61
N GLU B 231 -7.80 45.24 11.31
CA GLU B 231 -8.73 46.23 10.79
C GLU B 231 -10.18 45.78 10.97
N LEU B 232 -10.47 44.50 10.74
CA LEU B 232 -11.82 43.99 10.98
C LEU B 232 -12.19 44.01 12.45
N LEU B 233 -11.22 43.71 13.34
CA LEU B 233 -11.47 43.75 14.78
C LEU B 233 -11.73 45.18 15.24
N THR B 234 -10.91 46.14 14.77
CA THR B 234 -11.17 47.57 15.07
C THR B 234 -12.57 47.97 14.65
N GLU B 235 -13.01 47.54 13.47
CA GLU B 235 -14.37 47.79 13.03
C GLU B 235 -15.37 47.13 13.96
N HIS B 236 -15.11 45.88 14.33
CA HIS B 236 -16.06 45.10 15.09
C HIS B 236 -16.24 45.67 16.50
N ARG B 237 -15.15 46.19 17.09
CA ARG B 237 -15.26 46.88 18.37
C ARG B 237 -16.17 48.08 18.26
N MET B 238 -16.15 48.75 17.12
CA MET B 238 -17.11 49.82 16.87
C MET B 238 -18.54 49.27 16.76
N THR B 239 -18.78 48.11 16.11
CA THR B 239 -20.19 47.79 15.99
C THR B 239 -20.75 46.96 17.14
N TRP B 240 -19.90 46.49 18.05
CA TRP B 240 -20.32 45.59 19.12
C TRP B 240 -21.23 46.27 20.11
N ASP B 241 -22.36 45.65 20.43
CA ASP B 241 -23.26 46.16 21.46
C ASP B 241 -23.01 45.38 22.75
N PRO B 242 -22.14 45.86 23.64
CA PRO B 242 -21.88 45.14 24.90
C PRO B 242 -23.08 45.02 25.81
N ALA B 243 -24.15 45.79 25.60
CA ALA B 243 -25.33 45.63 26.44
C ALA B 243 -26.22 44.48 25.99
N GLN B 244 -25.78 43.72 25.02
CA GLN B 244 -26.48 42.59 24.47
C GLN B 244 -25.59 41.36 24.61
N PRO B 245 -26.17 40.17 24.71
CA PRO B 245 -25.35 38.97 24.82
C PRO B 245 -24.54 38.75 23.53
N PRO B 246 -23.36 38.14 23.66
CA PRO B 246 -22.46 38.03 22.50
C PRO B 246 -23.11 37.32 21.31
N ARG B 247 -22.82 37.79 20.11
CA ARG B 247 -23.36 37.13 18.93
C ARG B 247 -22.27 36.49 18.08
N ASP B 248 -21.03 36.51 18.56
CA ASP B 248 -19.92 35.86 17.88
C ASP B 248 -18.79 35.79 18.89
N LEU B 249 -17.77 35.03 18.53
CA LEU B 249 -16.71 34.70 19.48
C LEU B 249 -15.87 35.92 19.84
N THR B 250 -15.66 36.84 18.90
CA THR B 250 -14.94 38.08 19.22
C THR B 250 -15.64 38.85 20.35
N GLU B 251 -16.95 39.01 20.26
CA GLU B 251 -17.67 39.72 21.33
C GLU B 251 -17.52 39.00 22.66
N ALA B 252 -17.74 37.68 22.67
CA ALA B 252 -17.55 36.93 23.91
C ALA B 252 -16.14 37.09 24.42
N PHE B 253 -15.15 37.18 23.52
CA PHE B 253 -13.77 37.40 23.96
C PHE B 253 -13.59 38.82 24.51
N LEU B 254 -14.23 39.83 23.89
CA LEU B 254 -14.14 41.19 24.40
C LEU B 254 -14.74 41.30 25.78
N ALA B 255 -15.89 40.65 25.99
CA ALA B 255 -16.54 40.67 27.28
C ALA B 255 -15.63 40.06 28.36
N GLU B 256 -14.93 38.98 28.03
CA GLU B 256 -13.96 38.38 28.96
C GLU B 256 -12.79 39.32 29.23
N MET B 257 -12.27 39.98 28.19
CA MET B 257 -11.17 40.93 28.38
C MET B 257 -11.51 41.99 29.41
N GLU B 258 -12.75 42.49 29.37
CA GLU B 258 -13.17 43.53 30.28
C GLU B 258 -13.20 43.01 31.72
N LYS B 259 -13.83 41.84 31.93
CA LYS B 259 -13.86 41.21 33.25
C LYS B 259 -12.45 40.95 33.77
N ALA B 260 -11.49 40.77 32.88
CA ALA B 260 -10.14 40.37 33.22
C ALA B 260 -9.20 41.56 33.43
N LYS B 261 -9.66 42.79 33.22
CA LYS B 261 -8.83 43.96 33.46
C LYS B 261 -8.33 43.95 34.91
N GLY B 262 -7.01 44.09 35.10
CA GLY B 262 -6.38 44.02 36.38
C GLY B 262 -5.89 42.64 36.77
N ASN B 263 -6.14 41.61 35.94
CA ASN B 263 -5.73 40.24 36.24
C ASN B 263 -4.61 39.85 35.28
N PRO B 264 -3.35 39.93 35.70
CA PRO B 264 -2.24 39.63 34.79
C PRO B 264 -2.05 38.13 34.52
N GLU B 265 -2.91 37.27 35.06
CA GLU B 265 -2.82 35.85 34.69
C GLU B 265 -3.77 35.49 33.56
N SER B 266 -4.64 36.43 33.16
CA SER B 266 -5.62 36.16 32.11
C SER B 266 -4.95 35.98 30.76
N SER B 267 -5.50 35.08 29.94
CA SER B 267 -5.09 35.06 28.55
C SER B 267 -6.04 35.88 27.68
N PHE B 268 -7.05 36.52 28.27
CA PHE B 268 -7.96 37.42 27.55
C PHE B 268 -7.37 38.81 27.54
N ASN B 269 -6.58 39.10 26.52
CA ASN B 269 -5.97 40.39 26.29
C ASN B 269 -5.96 40.67 24.79
N ASP B 270 -5.60 41.91 24.43
CA ASP B 270 -5.64 42.34 23.03
C ASP B 270 -4.72 41.50 22.15
N GLU B 271 -3.53 41.16 22.65
CA GLU B 271 -2.57 40.44 21.82
C GLU B 271 -3.04 39.03 21.51
N ASN B 272 -3.84 38.43 22.39
CA ASN B 272 -4.36 37.10 22.18
C ASN B 272 -5.71 37.12 21.47
N LEU B 273 -6.46 38.22 21.56
CA LEU B 273 -7.65 38.36 20.73
C LEU B 273 -7.32 38.15 19.26
N ARG B 274 -6.25 38.77 18.77
CA ARG B 274 -5.97 38.63 17.35
C ARG B 274 -5.38 37.26 17.02
N ILE B 275 -4.56 36.68 17.89
CA ILE B 275 -4.04 35.34 17.62
C ILE B 275 -5.16 34.30 17.66
N VAL B 276 -6.06 34.39 18.65
CA VAL B 276 -7.12 33.39 18.77
C VAL B 276 -8.06 33.47 17.58
N VAL B 277 -8.49 34.68 17.18
CA VAL B 277 -9.38 34.78 16.02
C VAL B 277 -8.68 34.34 14.76
N ALA B 278 -7.43 34.76 14.55
CA ALA B 278 -6.66 34.30 13.38
C ALA B 278 -6.47 32.78 13.38
N ASP B 279 -6.30 32.18 14.55
CA ASP B 279 -6.20 30.74 14.76
C ASP B 279 -7.44 30.06 14.21
N LEU B 280 -8.60 30.36 14.79
CA LEU B 280 -9.83 29.69 14.40
C LEU B 280 -10.12 29.93 12.94
N PHE B 281 -10.07 31.21 12.53
CA PHE B 281 -10.39 31.59 11.17
C PHE B 281 -9.56 30.80 10.17
N SER B 282 -8.22 30.96 10.24
CA SER B 282 -7.38 30.23 9.32
C SER B 282 -7.66 28.74 9.40
N ALA B 283 -7.70 28.19 10.64
CA ALA B 283 -7.94 26.76 10.80
C ALA B 283 -9.28 26.34 10.20
N GLY B 284 -10.34 27.08 10.47
CA GLY B 284 -11.65 26.70 9.96
C GLY B 284 -11.81 26.78 8.45
N MET B 285 -10.80 27.30 7.77
CA MET B 285 -10.93 27.63 6.36
C MET B 285 -10.25 26.58 5.48
N GLU B 286 -8.94 26.40 5.60
CA GLU B 286 -8.23 25.51 4.69
C GLU B 286 -8.51 24.04 4.96
N THR B 287 -8.96 23.67 6.15
CA THR B 287 -9.17 22.27 6.42
C THR B 287 -10.44 21.77 5.74
N THR B 288 -11.54 22.46 6.00
CA THR B 288 -12.83 22.00 5.50
C THR B 288 -12.95 22.22 3.99
N SER B 289 -12.39 23.32 3.51
CA SER B 289 -12.44 23.60 2.08
C SER B 289 -11.66 22.56 1.28
N THR B 290 -10.47 22.19 1.76
CA THR B 290 -9.71 21.14 1.11
C THR B 290 -10.44 19.81 1.18
N THR B 291 -11.08 19.50 2.31
CA THR B 291 -11.79 18.23 2.40
C THR B 291 -12.93 18.18 1.39
N LEU B 292 -13.66 19.30 1.24
CA LEU B 292 -14.69 19.39 0.21
C LEU B 292 -14.12 19.28 -1.19
N ALA B 293 -12.95 19.88 -1.43
CA ALA B 293 -12.30 19.76 -2.72
C ALA B 293 -12.00 18.29 -3.04
N TRP B 294 -11.52 17.52 -2.05
CA TRP B 294 -11.35 16.08 -2.24
C TRP B 294 -12.69 15.42 -2.50
N GLY B 295 -13.72 15.84 -1.76
CA GLY B 295 -15.04 15.24 -1.90
C GLY B 295 -15.63 15.40 -3.27
N LEU B 296 -15.42 16.55 -3.94
CA LEU B 296 -15.92 16.75 -5.30
C LEU B 296 -15.09 16.00 -6.33
N LEU B 297 -13.76 16.00 -6.15
CA LEU B 297 -12.88 15.21 -7.01
C LEU B 297 -13.27 13.74 -6.98
N LEU B 298 -13.54 13.22 -5.78
CA LEU B 298 -13.90 11.80 -5.68
C LEU B 298 -15.28 11.52 -6.27
N MET B 299 -16.19 12.52 -6.27
CA MET B 299 -17.49 12.30 -6.89
C MET B 299 -17.43 12.37 -8.43
N ILE B 300 -16.47 13.08 -9.03
CA ILE B 300 -16.40 13.03 -10.49
C ILE B 300 -15.57 11.84 -10.97
N LEU B 301 -14.70 11.30 -10.12
CA LEU B 301 -13.97 10.08 -10.39
C LEU B 301 -14.78 8.83 -10.12
N HIS B 302 -15.80 8.90 -9.28
CA HIS B 302 -16.63 7.73 -8.94
C HIS B 302 -18.10 8.12 -8.99
N PRO B 303 -18.63 8.40 -10.20
CA PRO B 303 -20.02 8.86 -10.30
C PRO B 303 -21.04 7.84 -9.84
N ASP B 304 -20.67 6.55 -9.82
CA ASP B 304 -21.54 5.56 -9.22
C ASP B 304 -21.81 5.90 -7.75
N VAL B 305 -20.79 6.34 -7.01
CA VAL B 305 -21.01 6.75 -5.63
C VAL B 305 -21.87 8.00 -5.57
N GLN B 306 -21.61 8.94 -6.49
CA GLN B 306 -22.33 10.20 -6.52
C GLN B 306 -23.82 9.99 -6.74
N ARG B 307 -24.17 9.21 -7.78
CA ARG B 307 -25.57 8.88 -8.05
C ARG B 307 -26.23 8.25 -6.84
N ARG B 308 -25.53 7.35 -6.14
CA ARG B 308 -26.13 6.67 -4.99
CA ARG B 308 -26.15 6.67 -5.00
CA ARG B 308 -26.14 6.67 -4.99
C ARG B 308 -26.33 7.62 -3.81
N VAL B 309 -25.39 8.54 -3.59
CA VAL B 309 -25.61 9.56 -2.57
C VAL B 309 -26.81 10.41 -2.97
N GLN B 310 -26.85 10.82 -4.24
CA GLN B 310 -27.95 11.63 -4.73
C GLN B 310 -29.29 10.91 -4.57
N GLN B 311 -29.31 9.59 -4.77
CA GLN B 311 -30.54 8.84 -4.57
C GLN B 311 -30.93 8.77 -3.10
N GLU B 312 -29.95 8.72 -2.19
CA GLU B 312 -30.29 8.76 -0.77
C GLU B 312 -30.77 10.15 -0.35
N ILE B 313 -30.31 11.19 -1.04
CA ILE B 313 -30.80 12.54 -0.77
C ILE B 313 -32.27 12.66 -1.13
N ASP B 314 -32.64 12.17 -2.33
CA ASP B 314 -34.04 12.22 -2.75
C ASP B 314 -34.93 11.42 -1.81
N ASP B 315 -34.45 10.29 -1.31
CA ASP B 315 -35.29 9.45 -0.47
C ASP B 315 -35.58 10.11 0.87
N VAL B 316 -34.59 10.77 1.45
CA VAL B 316 -34.73 11.30 2.80
C VAL B 316 -35.06 12.81 2.81
N ILE B 317 -34.50 13.57 1.85
CA ILE B 317 -34.63 15.03 1.82
C ILE B 317 -35.53 15.49 0.68
N GLY B 318 -35.37 14.91 -0.50
CA GLY B 318 -36.03 15.42 -1.69
C GLY B 318 -35.09 16.30 -2.49
N GLN B 319 -35.64 17.26 -3.21
CA GLN B 319 -34.87 18.27 -3.91
C GLN B 319 -35.53 19.63 -3.75
N VAL B 320 -36.46 19.74 -2.80
CA VAL B 320 -37.19 20.97 -2.53
C VAL B 320 -36.53 21.70 -1.37
N ARG B 321 -36.48 21.07 -0.20
CA ARG B 321 -36.00 21.71 1.01
C ARG B 321 -34.49 21.56 1.15
N ARG B 322 -33.92 22.32 2.09
CA ARG B 322 -32.50 22.31 2.39
C ARG B 322 -32.18 21.24 3.44
N PRO B 323 -31.02 20.60 3.29
CA PRO B 323 -30.65 19.55 4.26
C PRO B 323 -30.44 20.10 5.66
N GLU B 324 -30.71 19.25 6.66
CA GLU B 324 -30.54 19.59 8.07
C GLU B 324 -29.83 18.44 8.77
N MET B 325 -29.14 18.76 9.87
CA MET B 325 -28.33 17.75 10.56
C MET B 325 -29.14 16.54 11.00
N GLY B 326 -30.46 16.69 11.18
CA GLY B 326 -31.30 15.56 11.52
C GLY B 326 -31.47 14.56 10.40
N ASP B 327 -31.10 14.94 9.17
CA ASP B 327 -31.10 14.01 8.05
C ASP B 327 -29.92 13.04 8.09
N GLN B 328 -28.82 13.39 8.79
CA GLN B 328 -27.61 12.57 8.68
C GLN B 328 -27.80 11.23 9.36
N ALA B 329 -28.54 11.20 10.48
CA ALA B 329 -28.86 9.93 11.13
C ALA B 329 -29.64 8.99 10.24
N HIS B 330 -30.31 9.49 9.21
CA HIS B 330 -31.07 8.68 8.27
C HIS B 330 -30.38 8.56 6.92
N MET B 331 -29.10 8.92 6.84
CA MET B 331 -28.35 8.88 5.59
C MET B 331 -27.03 8.17 5.82
N PRO B 332 -27.07 6.85 6.04
CA PRO B 332 -25.82 6.16 6.36
C PRO B 332 -24.84 6.13 5.20
N TYR B 333 -25.34 5.97 3.96
CA TYR B 333 -24.43 5.89 2.82
C TYR B 333 -23.72 7.23 2.60
N THR B 334 -24.42 8.35 2.81
CA THR B 334 -23.76 9.63 2.62
C THR B 334 -22.77 9.89 3.75
N THR B 335 -23.14 9.54 4.98
CA THR B 335 -22.21 9.67 6.10
C THR B 335 -20.96 8.85 5.85
N ALA B 336 -21.12 7.62 5.36
CA ALA B 336 -20.01 6.76 5.01
C ALA B 336 -19.12 7.41 3.95
N VAL B 337 -19.74 8.00 2.93
CA VAL B 337 -18.95 8.63 1.86
C VAL B 337 -18.14 9.79 2.40
N ILE B 338 -18.77 10.65 3.20
CA ILE B 338 -18.07 11.81 3.75
C ILE B 338 -16.89 11.35 4.58
N HIS B 339 -17.12 10.34 5.44
CA HIS B 339 -16.04 9.80 6.26
C HIS B 339 -14.92 9.19 5.40
N GLU B 340 -15.29 8.59 4.25
CA GLU B 340 -14.30 8.02 3.34
C GLU B 340 -13.56 9.11 2.58
N VAL B 341 -14.23 10.20 2.22
CA VAL B 341 -13.53 11.36 1.67
C VAL B 341 -12.42 11.82 2.63
N GLN B 342 -12.73 11.83 3.93
CA GLN B 342 -11.75 12.26 4.92
C GLN B 342 -10.63 11.26 5.09
N ARG B 343 -10.98 9.98 5.15
CA ARG B 343 -9.96 8.95 5.35
C ARG B 343 -9.05 8.84 4.13
N PHE B 344 -9.62 8.91 2.93
CA PHE B 344 -8.84 8.87 1.69
C PHE B 344 -8.11 10.18 1.48
N GLY B 345 -8.81 11.31 1.67
CA GLY B 345 -8.17 12.61 1.49
C GLY B 345 -6.96 12.79 2.39
N ASP B 346 -7.05 12.31 3.64
CA ASP B 346 -5.88 12.17 4.51
C ASP B 346 -5.11 13.51 4.60
N ILE B 347 -5.81 14.58 5.00
CA ILE B 347 -5.30 15.90 4.65
C ILE B 347 -4.21 16.39 5.59
N VAL B 348 -4.08 15.81 6.78
CA VAL B 348 -3.03 16.19 7.73
C VAL B 348 -2.29 14.88 8.01
N PRO B 349 -1.48 14.38 7.08
CA PRO B 349 -1.02 12.98 7.19
C PRO B 349 0.00 12.74 8.29
N LEU B 350 0.85 13.73 8.56
CA LEU B 350 1.77 13.64 9.68
C LEU B 350 1.22 14.34 10.93
N GLY B 351 -0.07 14.61 10.98
CA GLY B 351 -0.71 15.32 12.07
C GLY B 351 -0.04 16.65 12.38
N VAL B 352 -0.09 17.03 13.65
CA VAL B 352 0.61 18.20 14.18
C VAL B 352 1.53 17.72 15.28
N THR B 353 2.75 18.24 15.32
CA THR B 353 3.74 17.76 16.26
CA THR B 353 3.73 17.73 16.26
C THR B 353 3.31 17.99 17.70
N HIS B 354 3.67 17.05 18.57
CA HIS B 354 3.58 17.18 20.01
C HIS B 354 4.98 17.13 20.59
N MET B 355 5.08 17.43 21.88
CA MET B 355 6.34 17.28 22.62
C MET B 355 6.06 16.67 23.99
N THR B 356 6.87 15.70 24.38
CA THR B 356 6.65 15.04 25.67
C THR B 356 7.00 15.96 26.83
N SER B 357 6.09 16.07 27.79
CA SER B 357 6.34 16.85 29.00
C SER B 357 7.17 16.10 30.03
N ARG B 358 7.18 14.76 29.99
CA ARG B 358 7.97 13.97 30.92
C ARG B 358 8.33 12.64 30.26
N ASP B 359 9.01 11.78 31.01
CA ASP B 359 9.35 10.45 30.51
C ASP B 359 8.08 9.64 30.28
N ILE B 360 7.96 9.01 29.12
CA ILE B 360 6.79 8.19 28.86
C ILE B 360 7.20 6.85 28.25
N GLU B 361 6.23 5.95 28.26
CA GLU B 361 6.37 4.58 27.84
C GLU B 361 5.38 4.31 26.72
N VAL B 362 5.90 3.98 25.54
CA VAL B 362 5.06 3.63 24.41
C VAL B 362 5.62 2.36 23.76
N GLN B 363 4.78 1.32 23.67
CA GLN B 363 5.08 0.07 22.96
C GLN B 363 6.31 -0.63 23.55
N GLY B 364 6.50 -0.53 24.86
CA GLY B 364 7.69 -1.08 25.46
C GLY B 364 8.89 -0.17 25.46
N PHE B 365 8.90 0.87 24.62
CA PHE B 365 10.06 1.73 24.50
C PHE B 365 9.93 2.93 25.41
N ARG B 366 11.07 3.42 25.87
CA ARG B 366 11.10 4.60 26.72
C ARG B 366 11.32 5.80 25.81
N ILE B 367 10.38 6.74 25.85
CA ILE B 367 10.50 7.99 25.11
C ILE B 367 10.89 9.07 26.12
N PRO B 368 12.08 9.66 25.98
CA PRO B 368 12.52 10.66 26.96
C PRO B 368 11.63 11.89 26.95
N LYS B 369 11.78 12.71 27.98
CA LYS B 369 11.13 14.00 28.05
C LYS B 369 11.70 14.93 26.96
N GLY B 370 10.90 15.92 26.58
CA GLY B 370 11.31 16.90 25.59
C GLY B 370 11.43 16.38 24.19
N THR B 371 10.93 15.18 23.93
CA THR B 371 10.99 14.59 22.61
C THR B 371 9.85 15.09 21.73
N THR B 372 10.19 15.50 20.51
CA THR B 372 9.19 15.83 19.50
C THR B 372 8.53 14.55 18.99
N LEU B 373 7.19 14.53 19.03
CA LEU B 373 6.39 13.40 18.56
C LEU B 373 5.73 13.74 17.23
N ILE B 374 5.79 12.80 16.29
CA ILE B 374 5.09 12.89 15.02
C ILE B 374 4.03 11.79 15.03
N THR B 375 2.77 12.19 15.07
CA THR B 375 1.65 11.24 14.93
C THR B 375 1.40 10.98 13.45
N ASN B 376 1.84 9.81 12.94
CA ASN B 376 1.65 9.46 11.53
C ASN B 376 0.19 9.06 11.32
N LEU B 377 -0.67 10.08 11.20
CA LEU B 377 -2.11 9.81 11.03
C LEU B 377 -2.38 9.07 9.74
N SER B 378 -1.58 9.34 8.70
CA SER B 378 -1.71 8.56 7.48
C SER B 378 -1.63 7.06 7.76
N SER B 379 -0.66 6.63 8.57
CA SER B 379 -0.51 5.20 8.88
C SER B 379 -1.68 4.65 9.67
N VAL B 380 -2.47 5.50 10.34
CA VAL B 380 -3.68 5.03 10.99
C VAL B 380 -4.83 4.94 9.99
N LEU B 381 -5.03 6.00 9.20
CA LEU B 381 -6.14 6.04 8.25
C LEU B 381 -5.99 5.03 7.12
N LYS B 382 -4.76 4.63 6.77
CA LYS B 382 -4.51 3.74 5.64
C LYS B 382 -3.76 2.50 6.11
N ASP B 383 -4.05 2.05 7.32
CA ASP B 383 -3.41 0.86 7.90
C ASP B 383 -3.92 -0.41 7.22
N GLU B 384 -3.01 -1.18 6.60
CA GLU B 384 -3.38 -2.39 5.86
C GLU B 384 -4.15 -3.43 6.69
N ALA B 385 -3.96 -3.47 8.00
CA ALA B 385 -4.58 -4.48 8.85
C ALA B 385 -5.98 -4.09 9.29
N VAL B 386 -6.38 -2.83 9.14
CA VAL B 386 -7.70 -2.36 9.54
C VAL B 386 -8.61 -2.19 8.33
N TRP B 387 -8.13 -1.50 7.30
CA TRP B 387 -8.96 -1.18 6.16
C TRP B 387 -8.77 -2.22 5.06
N GLU B 388 -9.88 -2.65 4.47
CA GLU B 388 -9.82 -3.67 3.43
C GLU B 388 -9.14 -3.16 2.17
N LYS B 389 -9.42 -1.90 1.79
CA LYS B 389 -8.81 -1.29 0.61
C LYS B 389 -8.22 0.05 1.01
N PRO B 390 -7.10 0.04 1.75
CA PRO B 390 -6.58 1.29 2.34
C PRO B 390 -6.25 2.39 1.34
N PHE B 391 -5.88 2.07 0.11
CA PHE B 391 -5.49 3.13 -0.82
C PHE B 391 -6.51 3.35 -1.92
N ARG B 392 -7.74 2.88 -1.74
CA ARG B 392 -8.82 3.14 -2.69
C ARG B 392 -9.94 3.90 -2.01
N PHE B 393 -10.67 4.67 -2.80
CA PHE B 393 -11.92 5.26 -2.34
C PHE B 393 -12.99 4.17 -2.26
N HIS B 394 -13.44 3.86 -1.08
CA HIS B 394 -14.25 2.68 -0.83
C HIS B 394 -15.20 2.97 0.34
N PRO B 395 -16.35 3.61 0.08
CA PRO B 395 -17.27 3.99 1.19
C PRO B 395 -17.62 2.86 2.13
N GLU B 396 -17.64 1.62 1.62
CA GLU B 396 -18.00 0.45 2.42
C GLU B 396 -17.09 0.25 3.63
N HIS B 397 -15.94 0.94 3.67
CA HIS B 397 -15.14 1.00 4.89
C HIS B 397 -15.96 1.47 6.09
N PHE B 398 -17.05 2.20 5.85
CA PHE B 398 -17.86 2.74 6.94
C PHE B 398 -19.28 2.17 6.95
N LEU B 399 -19.49 1.00 6.34
CA LEU B 399 -20.79 0.35 6.29
C LEU B 399 -20.64 -1.11 6.73
N ASP B 400 -21.54 -1.56 7.60
CA ASP B 400 -21.57 -2.95 8.00
C ASP B 400 -22.43 -3.76 7.04
N ALA B 401 -22.57 -5.05 7.33
CA ALA B 401 -23.27 -5.96 6.43
C ALA B 401 -24.69 -5.47 6.13
N GLN B 402 -25.38 -4.97 7.15
CA GLN B 402 -26.74 -4.45 6.95
C GLN B 402 -26.78 -3.14 6.16
N GLY B 403 -25.66 -2.44 6.02
CA GLY B 403 -25.69 -1.11 5.46
C GLY B 403 -25.81 0.00 6.49
N HIS B 404 -25.66 -0.32 7.77
CA HIS B 404 -25.56 0.70 8.81
C HIS B 404 -24.21 1.39 8.76
N PHE B 405 -24.19 2.69 9.09
CA PHE B 405 -22.93 3.41 9.20
C PHE B 405 -22.20 2.98 10.46
N VAL B 406 -20.95 2.56 10.30
CA VAL B 406 -20.07 2.22 11.41
C VAL B 406 -18.79 3.02 11.28
N LYS B 407 -18.28 3.51 12.42
CA LYS B 407 -17.06 4.32 12.43
C LYS B 407 -15.92 3.57 13.13
N PRO B 408 -15.00 2.93 12.39
CA PRO B 408 -13.88 2.24 13.02
C PRO B 408 -13.04 3.16 13.90
N GLU B 409 -12.35 2.56 14.87
CA GLU B 409 -11.53 3.33 15.81
C GLU B 409 -10.34 4.00 15.14
N ALA B 410 -9.83 3.41 14.07
CA ALA B 410 -8.73 3.98 13.31
C ALA B 410 -9.13 5.16 12.43
N PHE B 411 -10.39 5.59 12.50
CA PHE B 411 -10.76 6.85 11.85
C PHE B 411 -10.32 7.96 12.80
N LEU B 412 -9.07 8.39 12.65
CA LEU B 412 -8.50 9.45 13.46
C LEU B 412 -7.99 10.62 12.66
N PRO B 413 -8.77 11.18 11.72
CA PRO B 413 -8.28 12.30 10.93
C PRO B 413 -8.12 13.58 11.73
N PHE B 414 -8.73 13.67 12.93
CA PHE B 414 -8.58 14.82 13.82
C PHE B 414 -7.63 14.54 14.98
N SER B 415 -6.84 13.45 14.89
CA SER B 415 -5.94 13.04 15.94
C SER B 415 -6.72 12.64 17.19
N ALA B 416 -6.04 12.60 18.34
CA ALA B 416 -6.62 12.06 19.57
C ALA B 416 -6.01 12.80 20.75
N GLY B 417 -6.60 12.61 21.92
CA GLY B 417 -6.08 13.24 23.12
C GLY B 417 -6.62 14.64 23.33
N ARG B 418 -6.06 15.33 24.32
CA ARG B 418 -6.63 16.61 24.67
C ARG B 418 -6.28 17.71 23.68
N ARG B 419 -5.36 17.44 22.75
CA ARG B 419 -5.10 18.40 21.68
C ARG B 419 -5.87 18.09 20.41
N ALA B 420 -6.69 17.04 20.42
CA ALA B 420 -7.47 16.67 19.22
C ALA B 420 -8.27 17.84 18.70
N CYS B 421 -8.47 17.87 17.38
CA CYS B 421 -9.01 19.02 16.70
C CYS B 421 -10.22 19.58 17.42
N LEU B 422 -10.11 20.84 17.81
CA LEU B 422 -11.20 21.55 18.44
C LEU B 422 -12.31 21.90 17.46
N GLY B 423 -12.00 21.94 16.17
CA GLY B 423 -12.98 22.20 15.13
C GLY B 423 -13.74 21.00 14.61
N GLU B 424 -13.50 19.80 15.14
CA GLU B 424 -14.21 18.62 14.65
C GLU B 424 -15.73 18.77 14.61
N PRO B 425 -16.41 19.23 15.67
CA PRO B 425 -17.88 19.38 15.56
C PRO B 425 -18.30 20.36 14.48
N LEU B 426 -17.52 21.42 14.25
CA LEU B 426 -17.86 22.33 13.17
C LEU B 426 -17.64 21.67 11.82
N ALA B 427 -16.53 20.94 11.67
CA ALA B 427 -16.21 20.28 10.41
C ALA B 427 -17.27 19.25 10.02
N ARG B 428 -17.65 18.38 10.97
CA ARG B 428 -18.73 17.41 10.71
C ARG B 428 -19.95 18.10 10.12
N MET B 429 -20.40 19.18 10.78
CA MET B 429 -21.61 19.85 10.32
C MET B 429 -21.38 20.56 8.99
N GLU B 430 -20.23 21.22 8.84
CA GLU B 430 -19.93 21.88 7.57
C GLU B 430 -19.79 20.88 6.42
N LEU B 431 -19.13 19.75 6.67
CA LEU B 431 -18.95 18.77 5.59
C LEU B 431 -20.29 18.17 5.18
N PHE B 432 -21.14 17.82 6.15
CA PHE B 432 -22.40 17.18 5.79
C PHE B 432 -23.32 18.16 5.07
N LEU B 433 -23.35 19.44 5.48
CA LEU B 433 -24.32 20.36 4.91
C LEU B 433 -23.85 20.95 3.58
N PHE B 434 -22.57 21.33 3.46
CA PHE B 434 -22.10 21.74 2.12
C PHE B 434 -22.14 20.57 1.14
N PHE B 435 -21.68 19.38 1.58
CA PHE B 435 -21.66 18.23 0.67
C PHE B 435 -23.05 17.89 0.16
N THR B 436 -24.01 17.65 1.07
CA THR B 436 -25.35 17.24 0.65
C THR B 436 -26.06 18.34 -0.13
N SER B 437 -25.88 19.62 0.24
CA SER B 437 -26.46 20.71 -0.55
C SER B 437 -25.93 20.71 -1.98
N LEU B 438 -24.62 20.57 -2.15
CA LEU B 438 -24.03 20.59 -3.48
C LEU B 438 -24.47 19.40 -4.34
N LEU B 439 -24.49 18.21 -3.77
CA LEU B 439 -24.89 17.04 -4.54
C LEU B 439 -26.39 17.00 -4.76
N GLN B 440 -27.17 17.57 -3.85
CA GLN B 440 -28.62 17.64 -4.04
C GLN B 440 -28.95 18.50 -5.25
N HIS B 441 -28.20 19.58 -5.46
CA HIS B 441 -28.55 20.51 -6.52
C HIS B 441 -27.90 20.19 -7.84
N PHE B 442 -26.70 19.61 -7.84
CA PHE B 442 -25.95 19.43 -9.07
C PHE B 442 -25.55 17.98 -9.25
N SER B 443 -25.34 17.63 -10.52
CA SER B 443 -24.59 16.44 -10.90
C SER B 443 -23.21 16.90 -11.33
N PHE B 444 -22.19 16.33 -10.70
CA PHE B 444 -20.83 16.74 -11.00
C PHE B 444 -20.17 15.69 -11.89
N SER B 445 -19.26 16.14 -12.73
CA SER B 445 -18.64 15.24 -13.69
C SER B 445 -17.33 15.83 -14.18
N VAL B 446 -16.46 14.94 -14.65
CA VAL B 446 -15.27 15.36 -15.40
C VAL B 446 -15.74 16.11 -16.64
N PRO B 447 -15.10 17.21 -17.03
CA PRO B 447 -15.51 17.90 -18.27
C PRO B 447 -15.38 16.95 -19.43
N THR B 448 -16.46 16.88 -20.23
CA THR B 448 -16.65 15.80 -21.20
C THR B 448 -15.47 15.59 -22.15
N GLY B 449 -14.74 16.67 -22.49
CA GLY B 449 -13.55 16.47 -23.30
C GLY B 449 -12.41 15.83 -22.54
N GLN B 450 -12.14 16.35 -21.33
CA GLN B 450 -10.87 16.21 -20.64
C GLN B 450 -10.60 14.78 -20.17
N PRO B 451 -9.35 14.46 -19.85
CA PRO B 451 -9.04 13.17 -19.24
C PRO B 451 -9.29 13.18 -17.73
N ARG B 452 -9.15 12.00 -17.13
CA ARG B 452 -9.43 11.84 -15.71
C ARG B 452 -8.38 12.56 -14.86
N PRO B 453 -8.81 13.34 -13.86
CA PRO B 453 -7.86 13.88 -12.88
C PRO B 453 -7.25 12.80 -12.02
N SER B 454 -6.04 13.09 -11.53
CA SER B 454 -5.33 12.19 -10.64
C SER B 454 -5.95 12.12 -9.24
N HIS B 455 -5.97 10.90 -8.67
CA HIS B 455 -6.35 10.75 -7.27
CA HIS B 455 -6.30 10.63 -7.26
C HIS B 455 -5.21 11.10 -6.31
N HIS B 456 -4.03 11.38 -6.83
CA HIS B 456 -2.84 11.58 -6.01
C HIS B 456 -2.70 13.05 -5.61
N GLY B 457 -2.36 13.28 -4.34
CA GLY B 457 -2.40 14.61 -3.76
C GLY B 457 -1.04 15.27 -3.64
N VAL B 458 -1.06 16.61 -3.68
CA VAL B 458 0.15 17.43 -3.54
C VAL B 458 0.53 17.49 -2.07
N PHE B 459 1.61 16.77 -1.72
CA PHE B 459 2.14 16.66 -0.36
C PHE B 459 2.61 17.99 0.22
N ALA B 460 1.92 18.48 1.24
CA ALA B 460 2.37 19.66 1.98
C ALA B 460 2.00 19.43 3.45
N PHE B 461 1.85 20.54 4.20
CA PHE B 461 1.27 20.44 5.53
C PHE B 461 -0.17 19.98 5.45
N LEU B 462 -0.97 20.62 4.60
CA LEU B 462 -2.25 20.11 4.15
C LEU B 462 -2.06 19.51 2.77
N VAL B 463 -2.52 18.28 2.59
CA VAL B 463 -2.51 17.63 1.29
C VAL B 463 -3.83 17.96 0.62
N SER B 464 -3.79 18.78 -0.42
CA SER B 464 -4.98 19.09 -1.20
C SER B 464 -4.98 18.28 -2.50
N PRO B 465 -6.13 18.11 -3.14
CA PRO B 465 -6.13 17.40 -4.42
C PRO B 465 -5.31 18.16 -5.45
N SER B 466 -4.68 17.40 -6.34
CA SER B 466 -4.01 17.98 -7.49
C SER B 466 -5.04 18.79 -8.28
N PRO B 467 -4.66 19.92 -8.86
CA PRO B 467 -5.67 20.85 -9.43
C PRO B 467 -6.48 20.21 -10.55
N TYR B 468 -7.79 20.48 -10.54
CA TYR B 468 -8.73 19.84 -11.44
C TYR B 468 -9.90 20.78 -11.70
N GLU B 469 -10.68 20.44 -12.72
CA GLU B 469 -11.86 21.20 -13.12
C GLU B 469 -13.04 20.24 -13.17
N LEU B 470 -14.24 20.79 -13.12
CA LEU B 470 -15.43 19.95 -13.20
C LEU B 470 -16.57 20.72 -13.80
N CYS B 471 -17.63 19.98 -14.12
CA CYS B 471 -18.87 20.55 -14.58
C CYS B 471 -19.93 20.23 -13.54
N ALA B 472 -20.78 21.21 -13.26
CA ALA B 472 -21.89 21.04 -12.35
C ALA B 472 -23.17 21.44 -13.07
N VAL B 473 -24.08 20.47 -13.24
CA VAL B 473 -25.30 20.71 -13.99
C VAL B 473 -26.50 20.42 -13.10
N PRO B 474 -27.50 21.30 -13.05
CA PRO B 474 -28.62 21.13 -12.11
C PRO B 474 -29.31 19.79 -12.29
N ARG B 475 -29.89 19.30 -11.20
CA ARG B 475 -30.60 18.02 -11.21
C ARG B 475 -32.10 18.25 -11.38
CHA HEM C . 8.30 -19.19 -15.96
CHB HEM C . 5.86 -18.70 -11.74
CHC HEM C . 6.72 -23.36 -10.75
CHD HEM C . 9.34 -23.74 -14.78
C1A HEM C . 7.59 -18.65 -14.89
C2A HEM C . 7.12 -17.28 -14.81
C3A HEM C . 6.44 -17.13 -13.65
C4A HEM C . 6.44 -18.42 -12.96
CMA HEM C . 5.80 -15.80 -13.15
CAA HEM C . 7.41 -16.19 -15.86
CBA HEM C . 6.46 -16.20 -17.03
CGA HEM C . 6.78 -14.95 -17.84
O1A HEM C . 7.85 -14.88 -18.51
O2A HEM C . 5.96 -14.00 -17.80
C1B HEM C . 5.84 -19.92 -11.09
C2B HEM C . 5.13 -20.29 -9.88
C3B HEM C . 5.39 -21.59 -9.63
C4B HEM C . 6.26 -22.08 -10.66
CMB HEM C . 4.26 -19.27 -9.07
CAB HEM C . 4.95 -22.56 -8.49
CBB HEM C . 4.14 -22.24 -7.50
C1C HEM C . 7.47 -23.89 -11.78
C2C HEM C . 7.81 -25.28 -11.94
C3C HEM C . 8.57 -25.37 -13.07
C4C HEM C . 8.67 -24.04 -13.63
CMC HEM C . 7.39 -26.40 -10.95
CAC HEM C . 9.22 -26.59 -13.75
CBC HEM C . 8.68 -27.81 -13.65
C1D HEM C . 9.29 -22.56 -15.47
C2D HEM C . 9.94 -22.30 -16.74
C3D HEM C . 9.65 -21.05 -17.08
C4D HEM C . 8.82 -20.47 -16.03
CMD HEM C . 10.79 -23.34 -17.51
CAD HEM C . 10.10 -20.33 -18.37
CBD HEM C . 8.96 -20.46 -19.38
CGD HEM C . 9.33 -19.78 -20.68
O1D HEM C . 8.76 -20.15 -21.74
O2D HEM C . 10.20 -18.85 -20.66
NA HEM C . 7.14 -19.30 -13.75
NB HEM C . 6.52 -21.03 -11.52
NC HEM C . 8.01 -23.15 -12.81
ND HEM C . 8.62 -21.44 -15.08
FE HEM C . 7.51 -21.27 -13.32
N1 PN0 D . 18.92 -20.18 -12.96
N3 PN0 D . 16.32 -22.04 -13.82
C4 PN0 D . 20.44 -19.21 -14.62
C5 PN0 D . 16.73 -19.81 -11.37
C6 PN0 D . 16.21 -18.62 -11.83
C7 PN0 D . 14.86 -18.36 -11.67
C8 PN0 D . 14.06 -19.28 -11.04
C10 PN0 D . 15.91 -20.77 -10.79
C13 PN0 D . 9.35 -19.52 -11.67
C15 PN0 D . 11.83 -20.42 -12.28
C17 PN0 D . 19.46 -23.15 -15.43
C1 PN0 D . 19.78 -21.92 -14.58
C2 PN0 D . 18.61 -21.43 -13.71
C3 PN0 D . 19.20 -19.00 -13.78
S1 PN0 D . 20.27 -20.59 -15.76
S2 PN0 D . 18.47 -20.05 -11.40
C9 PN0 D . 14.57 -20.51 -10.62
O1 PN0 D . 12.78 -18.86 -10.71
C11 PN0 D . 11.69 -19.42 -11.35
C12 PN0 D . 10.42 -18.95 -11.04
N2 PN0 D . 9.46 -20.50 -12.58
C14 PN0 D . 10.68 -20.93 -12.86
O2 PN0 D . 19.08 -18.86 -10.90
O3 PN0 D . 18.74 -21.30 -10.77
C16 PN0 D . 17.25 -21.31 -14.40
O4 PN0 D . 15.00 -21.98 -14.30
O5 PN0 D . 17.04 -20.59 -15.38
C18 PN0 D . 20.97 -22.24 -13.67
C1 CPS E . 12.21 -6.67 -11.62
C2 CPS E . 13.59 -6.33 -11.04
C3 CPS E . 14.26 -5.61 -13.41
C4 CPS E . 15.37 -5.45 -14.42
C5 CPS E . 16.57 -4.74 -13.77
C6 CPS E . 17.07 -5.66 -12.63
C7 CPS E . 18.43 -5.06 -12.24
C8 CPS E . 18.96 -4.41 -13.52
C9 CPS E . 17.88 -4.57 -14.60
C10 CPS E . 16.10 -3.39 -13.19
C11 CPS E . 13.50 -4.94 -10.37
C12 CPS E . 12.16 -8.06 -12.24
C13 CPS E . 12.52 -9.12 -11.23
C14 CPS E . 13.87 -8.83 -10.58
C15 CPS E . 14.00 -7.41 -10.01
C16 CPS E . 15.40 -7.16 -9.42
C17 CPS E . 16.50 -6.88 -10.45
C18 CPS E . 16.01 -5.91 -11.53
C19 CPS E . 14.66 -6.35 -12.13
C20 CPS E . 17.94 -3.41 -15.62
C21 CPS E . 18.60 -3.81 -16.94
O2 CPS E . 12.56 -10.38 -11.91
O3 CPS E . 16.99 -8.10 -11.02
O4 CPS E . 15.76 -6.74 -14.90
ZN ZN F . 16.69 -42.45 -16.77
ZN ZN G . -1.69 -40.33 9.63
ZN ZN H . -22.04 -20.82 -7.23
CHA HEM I . -6.13 20.76 15.64
CHB HEM I . -7.37 18.19 11.69
CHC HEM I . -10.90 21.43 11.10
CHD HEM I . -9.28 24.25 14.65
C1A HEM I . -6.14 19.79 14.66
C2A HEM I . -5.22 18.66 14.55
C3A HEM I . -5.56 17.97 13.45
C4A HEM I . -6.71 18.61 12.84
CMA HEM I . -4.80 16.70 12.99
CAA HEM I . -4.02 18.31 15.47
CBA HEM I . -4.39 17.63 16.79
CGA HEM I . -3.11 17.28 17.54
O1A HEM I . -2.35 18.17 17.96
O2A HEM I . -2.83 16.09 17.73
C1B HEM I . -8.48 18.83 11.18
C2B HEM I . -9.30 18.42 10.05
C3B HEM I . -10.27 19.33 9.90
C4B HEM I . -10.08 20.34 10.92
CMB HEM I . -9.03 17.15 9.25
CAB HEM I . -11.44 19.47 8.89
CBB HEM I . -11.59 18.67 7.86
C1C HEM I . -10.74 22.46 11.99
C2C HEM I . -11.62 23.60 12.06
C3C HEM I . -11.15 24.41 13.04
C4C HEM I . -10.01 23.75 13.62
CMC HEM I . -12.83 23.81 11.15
CAC HEM I . -11.71 25.75 13.56
CBC HEM I . -13.01 25.97 13.51
C1D HEM I . -8.28 23.55 15.22
C2D HEM I . -7.52 24.00 16.35
C3D HEM I . -6.65 23.03 16.66
C4D HEM I . -6.85 21.95 15.70
CMD HEM I . -7.76 25.37 17.03
CAD HEM I . -5.62 23.04 17.80
CBD HEM I . -6.25 22.32 19.01
CGD HEM I . -5.32 22.38 20.21
O1D HEM I . -5.79 22.14 21.35
O2D HEM I . -4.10 22.65 19.99
NA HEM I . -7.05 19.71 13.61
NB HEM I . -8.97 20.00 11.67
NC HEM I . -9.76 22.58 12.95
ND HEM I . -7.86 22.31 14.85
FE HEM I . -8.43 21.12 13.27
N1 PN0 J . -1.26 29.74 11.37
N3 PN0 J . -4.14 28.74 12.87
C4 PN0 J . 0.58 30.61 12.76
C5 PN0 J . -2.33 27.58 10.11
C6 PN0 J . -1.57 26.57 10.67
C7 PN0 J . -2.07 25.28 10.68
C8 PN0 J . -3.31 25.02 10.13
C10 PN0 J . -3.60 27.35 9.64
C13 PN0 J . -5.99 21.22 11.13
C15 PN0 J . -5.44 23.85 11.55
C17 PN0 J . -3.14 32.07 13.83
C1 PN0 J . -2.06 31.53 12.91
C2 PN0 J . -2.37 30.19 12.23
C3 PN0 J . -0.01 29.40 12.07
S1 PN0 J . -0.56 31.35 13.96
S2 PN0 J . -1.61 29.17 9.88
C9 PN0 J . -4.10 26.06 9.64
O1 PN0 J . -3.66 23.70 9.92
C11 PN0 J . -4.69 23.14 10.64
C12 PN0 J . -4.95 21.80 10.42
N2 PN0 J . -6.75 21.89 12.00
C14 PN0 J . -6.46 23.17 12.21
O2 PN0 J . -0.38 29.01 9.18
O3 PN0 J . -2.63 30.02 9.35
C16 PN0 J . -2.90 29.09 13.13
O4 PN0 J . -4.62 27.53 13.36
O5 PN0 J . -2.23 28.57 14.03
C18 PN0 J . -1.73 32.55 11.83
C1 CPS K . 5.84 16.39 10.61
C2 CPS K . 6.81 17.21 9.74
C3 CPS K . 8.43 17.46 11.74
C4 CPS K . 9.35 18.36 12.56
C5 CPS K . 10.35 19.11 11.66
C6 CPS K . 9.52 19.90 10.62
C7 CPS K . 10.56 20.80 9.95
C8 CPS K . 11.51 21.18 11.10
C9 CPS K . 11.18 20.26 12.30
C10 CPS K . 11.27 18.08 10.97
C11 CPS K . 7.72 16.21 8.99
C12 CPS K . 4.75 17.22 11.27
C13 CPS K . 3.95 17.95 10.22
C14 CPS K . 4.85 18.84 9.38
C15 CPS K . 6.00 18.06 8.73
C16 CPS K . 6.89 18.99 7.89
C17 CPS K . 7.84 19.86 8.71
C18 CPS K . 8.62 19.03 9.73
C19 CPS K . 7.68 18.17 10.61
C20 CPS K . 12.44 19.93 13.12
C21 CPS K . 12.15 19.11 14.37
O2 CPS K . 2.91 18.72 10.83
O3 CPS K . 7.13 20.93 9.33
O4 CPS K . 8.55 19.28 13.32
ZN ZN L . -20.18 40.92 16.57
ZN ZN M . -27.14 35.15 2.42
ZN ZN N . -14.14 39.91 14.18
#